data_3TLX
#
_entry.id   3TLX
#
_cell.length_a   81.395
_cell.length_b   76.663
_cell.length_c   93.768
_cell.angle_alpha   90.00
_cell.angle_beta   100.78
_cell.angle_gamma   90.00
#
_symmetry.space_group_name_H-M   'P 1 21 1'
#
loop_
_entity.id
_entity.type
_entity.pdbx_description
1 polymer 'Adenylate kinase 2'
2 non-polymer 'MAGNESIUM ION'
3 non-polymer 'ADENOSINE MONOPHOSPHATE'
4 non-polymer "ADENOSINE-5'-DIPHOSPHATE"
5 non-polymer "ADENOSINE-5'-TRIPHOSPHATE"
#
_entity_poly.entity_id   1
_entity_poly.type   'polypeptide(L)'
_entity_poly.pdbx_seq_one_letter_code
;GMNENLENFSTIDLLNELKRRYACLSKPDGRYIFLGAPGSGKGTQSLNLKKSHCYCHLSTGDLLREAAEKKTELGLKIKN
IINEGKLVDDQMVLSLVDEKLKTPQCKKGFILDGYPRNVKQAEDLNKLLQKNQTKLDGVFYFNVPDEVLVNRISGRLIHK
PSGRIYHKIFNPPKVPFRDDVTNEPLIQREDDNEDVLKKRLTVFKSETSPLISYYKNKNLLINLDATQPANDLEKKISQH
IDG
;
_entity_poly.pdbx_strand_id   A,B,C,D
#
loop_
_chem_comp.id
_chem_comp.type
_chem_comp.name
_chem_comp.formula
ADP non-polymer ADENOSINE-5'-DIPHOSPHATE 'C10 H15 N5 O10 P2'
AMP non-polymer 'ADENOSINE MONOPHOSPHATE' 'C10 H14 N5 O7 P'
ATP non-polymer ADENOSINE-5'-TRIPHOSPHATE 'C10 H16 N5 O13 P3'
MG non-polymer 'MAGNESIUM ION' 'Mg 2'
#
# COMPACT_ATOMS: atom_id res chain seq x y z
N PHE A 9 11.05 -15.48 -0.18
CA PHE A 9 9.94 -14.54 -0.39
C PHE A 9 10.39 -13.32 -1.23
N SER A 10 10.01 -13.33 -2.53
CA SER A 10 10.30 -12.33 -3.56
C SER A 10 9.59 -10.99 -3.35
N THR A 11 10.12 -9.90 -3.96
CA THR A 11 9.59 -8.54 -3.91
C THR A 11 8.15 -8.52 -4.48
N ILE A 12 7.92 -9.23 -5.60
CA ILE A 12 6.59 -9.38 -6.22
C ILE A 12 5.65 -10.08 -5.24
N ASP A 13 6.14 -11.16 -4.59
CA ASP A 13 5.40 -11.90 -3.57
C ASP A 13 5.15 -11.02 -2.33
N LEU A 14 6.10 -10.12 -2.00
CA LEU A 14 5.97 -9.19 -0.88
C LEU A 14 4.86 -8.14 -1.19
N LEU A 15 4.91 -7.50 -2.40
CA LEU A 15 3.94 -6.51 -2.88
C LEU A 15 2.52 -7.11 -3.03
N ASN A 16 2.43 -8.40 -3.44
CA ASN A 16 1.16 -9.11 -3.59
C ASN A 16 0.47 -9.36 -2.23
N GLU A 17 1.29 -9.56 -1.16
CA GLU A 17 0.80 -9.74 0.21
C GLU A 17 0.10 -8.43 0.65
N LEU A 18 0.73 -7.28 0.33
CA LEU A 18 0.19 -5.95 0.65
C LEU A 18 -1.13 -5.71 -0.09
N LYS A 19 -1.20 -6.07 -1.38
CA LYS A 19 -2.43 -5.96 -2.20
C LYS A 19 -3.57 -6.67 -1.49
N ARG A 20 -3.33 -7.93 -1.03
CA ARG A 20 -4.27 -8.78 -0.30
C ARG A 20 -4.65 -8.13 1.05
N ARG A 21 -3.64 -7.63 1.78
CA ARG A 21 -3.81 -6.97 3.08
C ARG A 21 -4.67 -5.72 2.97
N TYR A 22 -4.38 -4.86 1.98
N TYR A 22 -4.36 -4.81 2.01
CA TYR A 22 -5.09 -3.61 1.76
CA TYR A 22 -5.14 -3.59 1.80
C TYR A 22 -6.51 -3.79 1.20
C TYR A 22 -6.60 -3.95 1.49
N ALA A 23 -6.82 -4.97 0.62
CA ALA A 23 -8.16 -5.36 0.17
C ALA A 23 -9.11 -5.62 1.35
N CYS A 24 -8.67 -6.32 2.43
CA CYS A 24 -9.54 -6.59 3.58
C CYS A 24 -9.54 -5.44 4.55
N LEU A 25 -8.42 -4.69 4.66
CA LEU A 25 -8.35 -3.51 5.54
C LEU A 25 -9.36 -2.46 5.06
N SER A 26 -9.57 -2.38 3.72
CA SER A 26 -10.51 -1.46 3.07
C SER A 26 -11.96 -1.95 3.13
N LYS A 27 -12.22 -3.11 3.72
CA LYS A 27 -13.58 -3.64 3.84
C LYS A 27 -14.27 -3.03 5.09
N PRO A 28 -15.60 -2.74 5.07
CA PRO A 28 -16.23 -2.17 6.25
C PRO A 28 -16.15 -3.04 7.48
N ASP A 29 -16.15 -2.41 8.66
CA ASP A 29 -16.18 -3.12 9.95
C ASP A 29 -17.61 -3.69 10.05
N GLY A 30 -17.76 -4.81 10.73
CA GLY A 30 -19.08 -5.39 10.85
C GLY A 30 -19.29 -6.26 12.05
N ARG A 31 -20.44 -6.15 12.66
CA ARG A 31 -20.82 -6.96 13.81
C ARG A 31 -22.16 -7.58 13.49
N TYR A 32 -22.11 -8.83 13.07
CA TYR A 32 -23.28 -9.58 12.63
C TYR A 32 -23.50 -10.83 13.41
N ILE A 33 -24.75 -11.35 13.33
CA ILE A 33 -25.23 -12.62 13.89
C ILE A 33 -25.67 -13.52 12.71
N PHE A 34 -25.21 -14.74 12.68
CA PHE A 34 -25.64 -15.74 11.69
C PHE A 34 -26.61 -16.63 12.44
N LEU A 35 -27.89 -16.55 12.07
CA LEU A 35 -28.96 -17.34 12.68
C LEU A 35 -29.46 -18.39 11.70
N GLY A 36 -29.60 -19.63 12.16
CA GLY A 36 -30.06 -20.75 11.34
C GLY A 36 -29.75 -22.09 11.99
N ALA A 37 -30.57 -23.12 11.69
CA ALA A 37 -30.45 -24.47 12.24
C ALA A 37 -29.06 -25.12 11.96
N PRO A 38 -28.64 -26.21 12.64
CA PRO A 38 -27.34 -26.81 12.32
C PRO A 38 -27.34 -27.39 10.91
N GLY A 39 -26.27 -27.15 10.16
CA GLY A 39 -26.10 -27.61 8.79
C GLY A 39 -26.47 -26.54 7.76
N SER A 40 -26.88 -25.33 8.24
CA SER A 40 -27.30 -24.17 7.45
C SER A 40 -26.16 -23.53 6.66
N GLY A 41 -24.94 -23.70 7.14
CA GLY A 41 -23.75 -23.13 6.52
C GLY A 41 -23.20 -21.92 7.24
N LYS A 42 -23.52 -21.73 8.55
CA LYS A 42 -23.06 -20.61 9.35
C LYS A 42 -21.54 -20.62 9.51
N GLY A 43 -20.99 -21.76 9.92
CA GLY A 43 -19.56 -21.93 10.12
C GLY A 43 -18.81 -21.71 8.82
N THR A 44 -19.32 -22.29 7.73
CA THR A 44 -18.74 -22.15 6.39
C THR A 44 -18.58 -20.67 6.02
N GLN A 45 -19.67 -19.90 6.14
CA GLN A 45 -19.72 -18.50 5.79
C GLN A 45 -18.92 -17.64 6.79
N SER A 46 -18.78 -18.07 8.04
CA SER A 46 -17.99 -17.39 9.05
C SER A 46 -16.49 -17.49 8.74
N LEU A 47 -16.05 -18.61 8.20
CA LEU A 47 -14.66 -18.82 7.81
C LEU A 47 -14.30 -17.97 6.60
N ASN A 48 -15.29 -17.75 5.70
CA ASN A 48 -15.14 -16.92 4.52
C ASN A 48 -14.91 -15.46 4.91
N LEU A 49 -15.78 -14.89 5.77
CA LEU A 49 -15.69 -13.52 6.24
C LEU A 49 -14.44 -13.28 7.06
N LYS A 50 -13.95 -14.30 7.80
CA LYS A 50 -12.73 -14.21 8.58
C LYS A 50 -11.55 -13.95 7.63
N LYS A 51 -11.58 -14.60 6.46
CA LYS A 51 -10.55 -14.44 5.44
C LYS A 51 -10.71 -13.14 4.64
N SER A 52 -11.96 -12.79 4.25
CA SER A 52 -12.19 -11.63 3.40
C SER A 52 -12.32 -10.28 4.13
N HIS A 53 -12.86 -10.29 5.37
CA HIS A 53 -13.15 -9.09 6.14
C HIS A 53 -12.40 -9.02 7.49
N CYS A 54 -11.62 -10.05 7.83
CA CYS A 54 -10.84 -10.18 9.09
C CYS A 54 -11.74 -10.09 10.32
N TYR A 55 -13.03 -10.47 10.17
CA TYR A 55 -14.02 -10.48 11.24
C TYR A 55 -13.74 -11.65 12.15
N CYS A 56 -13.98 -11.46 13.44
CA CYS A 56 -13.73 -12.57 14.34
C CYS A 56 -14.83 -13.59 14.27
N HIS A 57 -14.48 -14.87 14.24
CA HIS A 57 -15.48 -15.93 14.19
C HIS A 57 -15.75 -16.42 15.61
N LEU A 58 -16.83 -15.90 16.21
CA LEU A 58 -17.20 -16.26 17.56
C LEU A 58 -18.19 -17.39 17.54
N SER A 59 -17.70 -18.59 17.68
CA SER A 59 -18.52 -19.78 17.70
C SER A 59 -18.64 -20.29 19.16
N THR A 60 -19.86 -20.26 19.72
CA THR A 60 -20.14 -20.75 21.06
C THR A 60 -20.01 -22.28 21.09
N GLY A 61 -20.39 -22.95 20.00
CA GLY A 61 -20.24 -24.38 19.83
C GLY A 61 -18.78 -24.77 19.98
N ASP A 62 -17.87 -24.06 19.26
CA ASP A 62 -16.42 -24.29 19.32
C ASP A 62 -15.88 -24.05 20.72
N LEU A 63 -16.24 -22.91 21.35
CA LEU A 63 -15.85 -22.52 22.71
C LEU A 63 -16.37 -23.49 23.76
N LEU A 64 -17.55 -24.08 23.54
CA LEU A 64 -18.13 -25.01 24.51
C LEU A 64 -17.58 -26.44 24.37
N ARG A 65 -17.33 -26.91 23.12
CA ARG A 65 -16.72 -28.22 22.82
C ARG A 65 -15.29 -28.24 23.38
N GLU A 66 -14.62 -27.07 23.39
CA GLU A 66 -13.29 -26.79 23.95
C GLU A 66 -13.38 -26.90 25.47
N ALA A 67 -14.44 -26.30 26.06
CA ALA A 67 -14.70 -26.37 27.50
C ALA A 67 -15.08 -27.81 27.93
N ALA A 68 -15.72 -28.57 27.02
CA ALA A 68 -16.15 -29.95 27.22
C ALA A 68 -14.98 -30.95 27.19
N GLU A 69 -13.80 -30.51 26.70
CA GLU A 69 -12.57 -31.31 26.62
C GLU A 69 -11.81 -31.33 27.96
N LYS A 70 -12.14 -30.38 28.87
CA LYS A 70 -11.51 -30.27 30.19
C LYS A 70 -12.00 -31.40 31.12
N LYS A 71 -11.05 -32.17 31.74
CA LYS A 71 -11.34 -33.32 32.60
C LYS A 71 -11.77 -32.92 34.03
N THR A 72 -12.77 -32.00 34.12
CA THR A 72 -13.36 -31.46 35.34
C THR A 72 -14.87 -31.72 35.37
N GLU A 73 -15.52 -31.51 36.54
CA GLU A 73 -16.97 -31.69 36.72
C GLU A 73 -17.75 -30.83 35.72
N LEU A 74 -17.32 -29.56 35.53
CA LEU A 74 -17.91 -28.60 34.58
C LEU A 74 -17.76 -29.14 33.16
N GLY A 75 -16.62 -29.78 32.89
CA GLY A 75 -16.31 -30.38 31.60
C GLY A 75 -17.26 -31.49 31.20
N LEU A 76 -17.53 -32.44 32.14
CA LEU A 76 -18.46 -33.55 31.94
C LEU A 76 -19.88 -33.03 31.73
N LYS A 77 -20.28 -32.01 32.51
CA LYS A 77 -21.58 -31.36 32.45
C LYS A 77 -21.84 -30.81 31.05
N ILE A 78 -20.86 -30.05 30.49
CA ILE A 78 -20.93 -29.45 29.15
C ILE A 78 -20.90 -30.54 28.07
N LYS A 79 -20.00 -31.55 28.19
CA LYS A 79 -19.86 -32.66 27.23
C LYS A 79 -21.15 -33.43 27.09
N ASN A 80 -21.84 -33.70 28.21
CA ASN A 80 -23.09 -34.42 28.25
C ASN A 80 -24.26 -33.62 27.68
N ILE A 81 -24.29 -32.28 27.91
CA ILE A 81 -25.36 -31.42 27.38
C ILE A 81 -25.21 -31.34 25.87
N ILE A 82 -23.96 -31.12 25.38
CA ILE A 82 -23.60 -31.01 23.95
C ILE A 82 -23.98 -32.28 23.21
N ASN A 83 -23.52 -33.45 23.71
CA ASN A 83 -23.76 -34.78 23.12
C ASN A 83 -25.25 -35.19 23.13
N GLU A 84 -26.07 -34.57 24.01
CA GLU A 84 -27.52 -34.81 24.11
C GLU A 84 -28.29 -33.90 23.14
N GLY A 85 -27.59 -32.90 22.59
CA GLY A 85 -28.15 -31.93 21.66
C GLY A 85 -28.93 -30.80 22.29
N LYS A 86 -28.81 -30.64 23.63
CA LYS A 86 -29.51 -29.59 24.41
C LYS A 86 -28.62 -28.34 24.60
N LEU A 87 -29.21 -27.26 25.13
CA LEU A 87 -28.50 -25.99 25.34
C LEU A 87 -27.87 -25.89 26.71
N VAL A 88 -26.63 -25.40 26.73
CA VAL A 88 -25.84 -25.09 27.92
C VAL A 88 -26.50 -23.85 28.57
N ASP A 89 -26.36 -23.71 29.91
CA ASP A 89 -26.92 -22.60 30.68
C ASP A 89 -26.50 -21.23 30.12
N ASP A 90 -27.49 -20.33 29.97
CA ASP A 90 -27.39 -18.97 29.43
C ASP A 90 -26.26 -18.14 30.06
N GLN A 91 -26.11 -18.22 31.40
CA GLN A 91 -25.09 -17.50 32.17
C GLN A 91 -23.66 -17.96 31.78
N MET A 92 -23.49 -19.26 31.50
CA MET A 92 -22.21 -19.84 31.11
C MET A 92 -21.76 -19.34 29.72
N VAL A 93 -22.67 -19.36 28.72
CA VAL A 93 -22.36 -18.92 27.36
C VAL A 93 -22.02 -17.42 27.34
N LEU A 94 -22.78 -16.62 28.10
CA LEU A 94 -22.62 -15.17 28.22
C LEU A 94 -21.21 -14.81 28.61
N SER A 95 -20.61 -15.56 29.57
CA SER A 95 -19.26 -15.31 30.07
C SER A 95 -18.20 -15.60 29.01
N LEU A 96 -18.45 -16.60 28.17
CA LEU A 96 -17.53 -16.97 27.11
C LEU A 96 -17.55 -15.87 26.02
N VAL A 97 -18.78 -15.43 25.61
CA VAL A 97 -18.99 -14.38 24.61
C VAL A 97 -18.39 -13.06 25.13
N ASP A 98 -18.69 -12.67 26.39
CA ASP A 98 -18.13 -11.47 27.02
C ASP A 98 -16.61 -11.47 26.96
N GLU A 99 -15.97 -12.64 27.17
CA GLU A 99 -14.51 -12.75 27.14
C GLU A 99 -13.97 -12.67 25.70
N LYS A 100 -14.55 -13.42 24.74
CA LYS A 100 -14.04 -13.38 23.37
C LYS A 100 -14.29 -12.02 22.73
N LEU A 101 -15.39 -11.32 23.08
CA LEU A 101 -15.64 -9.99 22.52
C LEU A 101 -14.61 -8.94 22.96
N LYS A 102 -13.85 -9.25 24.03
CA LYS A 102 -12.80 -8.37 24.56
C LYS A 102 -11.47 -8.57 23.80
N THR A 103 -11.27 -9.75 23.14
CA THR A 103 -10.05 -10.11 22.40
C THR A 103 -9.79 -9.13 21.24
N PRO A 104 -8.51 -8.90 20.84
CA PRO A 104 -8.25 -7.90 19.79
C PRO A 104 -8.63 -8.36 18.38
N GLN A 105 -9.05 -9.62 18.25
CA GLN A 105 -9.49 -10.21 16.98
C GLN A 105 -10.89 -9.68 16.58
N CYS A 106 -11.62 -9.08 17.56
CA CYS A 106 -12.98 -8.53 17.44
C CYS A 106 -13.02 -7.00 17.23
N LYS A 107 -11.86 -6.33 17.07
CA LYS A 107 -11.84 -4.89 16.88
C LYS A 107 -12.32 -4.46 15.47
N LYS A 108 -12.02 -5.27 14.43
CA LYS A 108 -12.50 -4.97 13.09
C LYS A 108 -13.98 -5.34 12.99
N GLY A 109 -14.40 -6.34 13.74
CA GLY A 109 -15.77 -6.82 13.74
C GLY A 109 -15.81 -8.30 14.07
N PHE A 110 -17.04 -8.86 14.15
CA PHE A 110 -17.20 -10.28 14.49
C PHE A 110 -18.41 -10.92 13.83
N ILE A 111 -18.50 -12.26 13.93
CA ILE A 111 -19.65 -13.07 13.52
C ILE A 111 -19.98 -13.94 14.72
N LEU A 112 -21.24 -13.78 15.21
CA LEU A 112 -21.75 -14.60 16.31
C LEU A 112 -22.42 -15.75 15.62
N ASP A 113 -21.81 -16.91 15.76
CA ASP A 113 -22.26 -18.16 15.15
C ASP A 113 -22.60 -19.12 16.30
N GLY A 114 -23.89 -19.33 16.54
CA GLY A 114 -24.35 -20.17 17.65
C GLY A 114 -24.88 -19.41 18.85
N TYR A 115 -24.66 -18.10 18.86
CA TYR A 115 -25.13 -17.20 19.91
C TYR A 115 -25.82 -16.00 19.25
N PRO A 116 -27.03 -15.61 19.69
CA PRO A 116 -27.85 -16.15 20.78
C PRO A 116 -28.71 -17.34 20.35
N ARG A 117 -29.02 -18.24 21.27
CA ARG A 117 -29.83 -19.40 20.87
C ARG A 117 -31.28 -19.35 21.40
N ASN A 118 -31.65 -18.22 22.07
CA ASN A 118 -32.99 -17.99 22.62
C ASN A 118 -33.18 -16.52 22.92
N VAL A 119 -34.43 -16.13 23.25
CA VAL A 119 -34.87 -14.77 23.58
C VAL A 119 -34.08 -14.19 24.76
N LYS A 120 -33.82 -15.02 25.81
CA LYS A 120 -33.07 -14.62 27.00
C LYS A 120 -31.65 -14.22 26.59
N GLN A 121 -30.96 -15.09 25.79
CA GLN A 121 -29.60 -14.89 25.27
C GLN A 121 -29.51 -13.64 24.38
N ALA A 122 -30.60 -13.37 23.62
CA ALA A 122 -30.71 -12.19 22.75
C ALA A 122 -30.72 -10.91 23.58
N GLU A 123 -31.40 -10.95 24.76
CA GLU A 123 -31.49 -9.83 25.69
C GLU A 123 -30.18 -9.60 26.41
N ASP A 124 -29.48 -10.69 26.83
CA ASP A 124 -28.18 -10.62 27.48
C ASP A 124 -27.21 -9.94 26.50
N LEU A 125 -27.15 -10.43 25.24
CA LEU A 125 -26.31 -9.88 24.20
C LEU A 125 -26.57 -8.40 24.01
N ASN A 126 -27.86 -8.02 23.98
CA ASN A 126 -28.29 -6.64 23.82
C ASN A 126 -27.73 -5.75 24.92
N LYS A 127 -27.82 -6.21 26.20
CA LYS A 127 -27.33 -5.50 27.38
C LYS A 127 -25.81 -5.42 27.33
N LEU A 128 -25.14 -6.52 26.92
CA LEU A 128 -23.69 -6.59 26.82
C LEU A 128 -23.16 -5.63 25.74
N LEU A 129 -23.86 -5.53 24.58
CA LEU A 129 -23.47 -4.61 23.51
C LEU A 129 -23.66 -3.14 23.94
N GLN A 130 -24.74 -2.86 24.71
CA GLN A 130 -25.04 -1.51 25.22
C GLN A 130 -23.98 -1.05 26.20
N LYS A 131 -23.66 -1.89 27.18
CA LYS A 131 -22.65 -1.62 28.22
C LYS A 131 -21.24 -1.49 27.62
N ASN A 132 -20.95 -2.23 26.54
CA ASN A 132 -19.65 -2.26 25.86
C ASN A 132 -19.56 -1.21 24.73
N GLN A 133 -20.62 -0.40 24.53
CA GLN A 133 -20.70 0.67 23.51
C GLN A 133 -20.30 0.14 22.12
N THR A 134 -21.03 -0.88 21.67
CA THR A 134 -20.85 -1.57 20.39
C THR A 134 -22.26 -1.90 19.84
N LYS A 135 -22.43 -1.88 18.52
CA LYS A 135 -23.76 -2.09 17.93
C LYS A 135 -23.74 -3.13 16.82
N LEU A 136 -24.82 -3.96 16.75
CA LEU A 136 -24.95 -4.96 15.70
C LEU A 136 -25.25 -4.23 14.41
N ASP A 137 -24.72 -4.74 13.31
CA ASP A 137 -24.96 -4.21 11.97
C ASP A 137 -26.07 -4.98 11.26
N GLY A 138 -26.25 -6.24 11.61
CA GLY A 138 -27.30 -7.07 11.03
C GLY A 138 -27.42 -8.45 11.62
N VAL A 139 -28.55 -9.10 11.33
CA VAL A 139 -28.79 -10.50 11.72
C VAL A 139 -29.18 -11.26 10.46
N PHE A 140 -28.26 -12.07 9.94
CA PHE A 140 -28.53 -12.87 8.76
C PHE A 140 -29.24 -14.16 9.14
N TYR A 141 -30.37 -14.47 8.50
CA TYR A 141 -31.06 -15.75 8.73
C TYR A 141 -30.82 -16.70 7.56
N PHE A 142 -30.29 -17.88 7.87
CA PHE A 142 -29.96 -18.94 6.90
C PHE A 142 -31.16 -19.84 6.71
N ASN A 143 -32.01 -19.43 5.78
CA ASN A 143 -33.24 -20.13 5.44
C ASN A 143 -32.93 -21.30 4.52
N VAL A 144 -33.10 -22.54 5.05
CA VAL A 144 -32.85 -23.83 4.42
C VAL A 144 -33.84 -24.87 5.01
N PRO A 145 -34.52 -25.68 4.14
CA PRO A 145 -35.48 -26.66 4.66
C PRO A 145 -34.84 -27.80 5.42
N ASP A 146 -35.65 -28.47 6.25
CA ASP A 146 -35.26 -29.56 7.14
C ASP A 146 -34.58 -30.73 6.43
N GLU A 147 -35.13 -31.17 5.28
CA GLU A 147 -34.60 -32.28 4.47
C GLU A 147 -33.17 -32.01 4.03
N VAL A 148 -32.88 -30.77 3.60
CA VAL A 148 -31.56 -30.35 3.16
C VAL A 148 -30.57 -30.43 4.32
N LEU A 149 -30.96 -29.95 5.51
CA LEU A 149 -30.16 -29.96 6.73
C LEU A 149 -29.71 -31.38 7.15
N VAL A 150 -30.58 -32.39 6.95
CA VAL A 150 -30.29 -33.80 7.25
C VAL A 150 -29.00 -34.27 6.56
N ASN A 151 -28.95 -34.10 5.22
CA ASN A 151 -27.83 -34.49 4.38
C ASN A 151 -26.58 -33.68 4.71
N ARG A 152 -26.77 -32.37 5.01
CA ARG A 152 -25.70 -31.43 5.36
C ARG A 152 -24.92 -31.91 6.57
N ILE A 153 -25.64 -32.35 7.60
CA ILE A 153 -25.08 -32.86 8.86
C ILE A 153 -24.40 -34.25 8.65
N SER A 154 -25.07 -35.13 7.87
CA SER A 154 -24.62 -36.50 7.62
C SER A 154 -23.18 -36.58 7.09
N GLY A 155 -22.90 -35.81 6.05
CA GLY A 155 -21.61 -35.81 5.38
C GLY A 155 -20.56 -34.91 5.95
N ARG A 156 -20.87 -34.18 7.06
CA ARG A 156 -19.95 -33.23 7.67
C ARG A 156 -18.73 -33.88 8.35
N LEU A 157 -17.55 -33.33 8.01
CA LEU A 157 -16.25 -33.68 8.54
C LEU A 157 -15.52 -32.37 8.82
N ILE A 158 -14.84 -32.33 9.96
CA ILE A 158 -14.13 -31.14 10.38
C ILE A 158 -12.69 -31.50 10.76
N HIS A 159 -11.75 -30.57 10.57
CA HIS A 159 -10.36 -30.70 10.99
C HIS A 159 -10.38 -29.99 12.36
N LYS A 160 -10.40 -30.77 13.48
CA LYS A 160 -10.47 -30.24 14.85
C LYS A 160 -9.50 -29.09 15.15
N PRO A 161 -8.17 -29.17 14.83
CA PRO A 161 -7.27 -28.04 15.16
C PRO A 161 -7.59 -26.72 14.49
N SER A 162 -8.02 -26.70 13.21
CA SER A 162 -8.32 -25.47 12.47
C SER A 162 -9.78 -25.11 12.42
N GLY A 163 -10.65 -26.09 12.63
CA GLY A 163 -12.10 -25.90 12.56
C GLY A 163 -12.60 -25.80 11.13
N ARG A 164 -11.76 -26.19 10.13
CA ARG A 164 -12.12 -26.17 8.72
C ARG A 164 -13.22 -27.22 8.51
N ILE A 165 -14.24 -26.87 7.74
CA ILE A 165 -15.40 -27.70 7.49
C ILE A 165 -15.34 -28.29 6.09
N TYR A 166 -15.78 -29.56 5.98
CA TYR A 166 -15.82 -30.36 4.76
C TYR A 166 -17.14 -31.07 4.74
N HIS A 167 -17.49 -31.61 3.56
CA HIS A 167 -18.66 -32.42 3.36
C HIS A 167 -18.26 -33.48 2.38
N LYS A 168 -18.50 -34.76 2.74
CA LYS A 168 -18.19 -35.94 1.93
C LYS A 168 -18.59 -35.81 0.47
N ILE A 169 -19.62 -34.96 0.19
CA ILE A 169 -20.18 -34.77 -1.15
C ILE A 169 -20.07 -33.32 -1.61
N PHE A 170 -20.65 -32.39 -0.85
CA PHE A 170 -20.71 -30.97 -1.23
C PHE A 170 -19.39 -30.22 -1.14
N ASN A 171 -18.49 -30.63 -0.21
CA ASN A 171 -17.20 -29.95 -0.07
C ASN A 171 -16.14 -31.00 0.26
N PRO A 172 -15.82 -31.90 -0.67
CA PRO A 172 -14.89 -33.00 -0.35
C PRO A 172 -13.44 -32.58 -0.24
N PRO A 173 -12.67 -33.26 0.65
CA PRO A 173 -11.23 -32.97 0.73
C PRO A 173 -10.46 -33.62 -0.44
N LYS A 174 -9.24 -33.12 -0.75
CA LYS A 174 -8.36 -33.63 -1.81
C LYS A 174 -8.15 -35.15 -1.68
N VAL A 175 -7.80 -35.62 -0.46
CA VAL A 175 -7.64 -37.06 -0.16
C VAL A 175 -8.65 -37.42 0.97
N PRO A 176 -9.42 -38.51 0.79
CA PRO A 176 -10.47 -38.85 1.76
C PRO A 176 -10.11 -38.79 3.25
N PHE A 177 -10.96 -38.09 4.07
CA PHE A 177 -10.88 -38.02 5.54
C PHE A 177 -9.57 -37.43 6.06
N ARG A 178 -8.93 -36.60 5.21
CA ARG A 178 -7.68 -35.93 5.54
C ARG A 178 -7.78 -34.48 5.19
N ASP A 179 -7.23 -33.63 6.07
CA ASP A 179 -7.20 -32.18 5.90
C ASP A 179 -6.44 -31.77 4.63
N ASP A 180 -6.92 -30.73 3.95
CA ASP A 180 -6.30 -30.24 2.71
C ASP A 180 -4.99 -29.52 2.99
N VAL A 181 -4.91 -28.80 4.11
CA VAL A 181 -3.74 -28.01 4.51
C VAL A 181 -2.66 -28.86 5.22
N THR A 182 -3.04 -29.61 6.27
CA THR A 182 -2.08 -30.37 7.09
C THR A 182 -1.99 -31.87 6.76
N ASN A 183 -2.91 -32.40 5.91
CA ASN A 183 -3.05 -33.82 5.55
C ASN A 183 -3.29 -34.69 6.81
N GLU A 184 -3.75 -34.06 7.89
CA GLU A 184 -4.07 -34.68 9.18
C GLU A 184 -5.49 -35.27 9.15
N PRO A 185 -5.79 -36.31 9.95
CA PRO A 185 -7.14 -36.89 9.91
C PRO A 185 -8.27 -35.96 10.28
N LEU A 186 -9.44 -36.16 9.66
CA LEU A 186 -10.65 -35.41 9.95
C LEU A 186 -11.44 -36.21 10.95
N ILE A 187 -12.43 -35.61 11.56
CA ILE A 187 -13.26 -36.24 12.57
C ILE A 187 -14.75 -36.02 12.23
N GLN A 188 -15.62 -36.83 12.79
CA GLN A 188 -17.06 -36.62 12.68
C GLN A 188 -17.47 -36.11 14.05
N ARG A 189 -18.28 -35.05 14.08
CA ARG A 189 -18.77 -34.47 15.33
C ARG A 189 -19.70 -35.46 16.02
N GLU A 190 -19.50 -35.75 17.34
CA GLU A 190 -20.34 -36.69 18.10
C GLU A 190 -21.81 -36.29 18.07
N ASP A 191 -22.08 -34.96 18.05
CA ASP A 191 -23.43 -34.40 17.97
C ASP A 191 -24.04 -34.46 16.54
N ASP A 192 -23.27 -34.95 15.53
CA ASP A 192 -23.73 -35.10 14.15
C ASP A 192 -24.37 -36.46 13.90
N ASN A 193 -24.52 -37.26 14.99
CA ASN A 193 -25.20 -38.56 14.98
C ASN A 193 -26.68 -38.30 14.69
N GLU A 194 -27.28 -39.08 13.78
CA GLU A 194 -28.65 -38.99 13.28
C GLU A 194 -29.71 -38.68 14.36
N ASP A 195 -29.66 -39.40 15.50
CA ASP A 195 -30.62 -39.26 16.61
C ASP A 195 -30.48 -37.95 17.38
N VAL A 196 -29.25 -37.45 17.61
CA VAL A 196 -29.10 -36.18 18.35
C VAL A 196 -29.35 -34.97 17.46
N LEU A 197 -29.02 -35.06 16.14
CA LEU A 197 -29.31 -33.97 15.19
C LEU A 197 -30.82 -33.67 15.16
N LYS A 198 -31.65 -34.73 15.37
CA LYS A 198 -33.11 -34.67 15.44
C LYS A 198 -33.55 -33.82 16.64
N LYS A 199 -32.87 -33.99 17.81
CA LYS A 199 -33.10 -33.24 19.05
C LYS A 199 -32.63 -31.79 18.89
N ARG A 200 -31.48 -31.59 18.21
CA ARG A 200 -30.88 -30.28 17.94
C ARG A 200 -31.81 -29.42 17.08
N LEU A 201 -32.44 -30.03 16.04
CA LEU A 201 -33.37 -29.35 15.14
C LEU A 201 -34.67 -28.99 15.87
N THR A 202 -35.04 -29.78 16.91
CA THR A 202 -36.23 -29.57 17.74
C THR A 202 -36.00 -28.36 18.65
N VAL A 203 -34.81 -28.32 19.31
CA VAL A 203 -34.39 -27.25 20.22
C VAL A 203 -34.35 -25.93 19.44
N PHE A 204 -33.89 -25.98 18.18
CA PHE A 204 -33.82 -24.83 17.29
C PHE A 204 -35.23 -24.28 17.04
N LYS A 205 -36.15 -25.16 16.61
CA LYS A 205 -37.54 -24.80 16.29
C LYS A 205 -38.25 -24.20 17.49
N SER A 206 -38.05 -24.75 18.70
CA SER A 206 -38.71 -24.29 19.91
C SER A 206 -38.06 -23.05 20.56
N GLU A 207 -36.72 -23.05 20.73
CA GLU A 207 -36.01 -21.99 21.42
C GLU A 207 -35.40 -20.91 20.54
N THR A 208 -34.92 -21.24 19.33
CA THR A 208 -34.21 -20.28 18.48
C THR A 208 -35.07 -19.64 17.35
N SER A 209 -36.11 -20.35 16.85
CA SER A 209 -36.98 -19.81 15.79
C SER A 209 -37.68 -18.46 16.19
N PRO A 210 -38.08 -18.18 17.48
CA PRO A 210 -38.69 -16.87 17.79
C PRO A 210 -37.77 -15.66 17.61
N LEU A 211 -36.44 -15.90 17.47
CA LEU A 211 -35.46 -14.85 17.25
C LEU A 211 -35.58 -14.23 15.86
N ILE A 212 -36.21 -14.95 14.90
CA ILE A 212 -36.44 -14.47 13.53
C ILE A 212 -37.30 -13.22 13.65
N SER A 213 -38.42 -13.33 14.41
CA SER A 213 -39.40 -12.26 14.65
C SER A 213 -38.81 -11.15 15.53
N TYR A 214 -38.02 -11.54 16.56
CA TYR A 214 -37.34 -10.64 17.50
C TYR A 214 -36.42 -9.65 16.74
N TYR A 215 -35.54 -10.18 15.88
CA TYR A 215 -34.61 -9.35 15.10
C TYR A 215 -35.28 -8.66 13.93
N LYS A 216 -36.42 -9.20 13.44
CA LYS A 216 -37.22 -8.56 12.37
C LYS A 216 -37.89 -7.30 12.95
N ASN A 217 -38.36 -7.37 14.22
CA ASN A 217 -38.95 -6.27 14.98
C ASN A 217 -37.90 -5.20 15.26
N LYS A 218 -36.65 -5.62 15.57
CA LYS A 218 -35.51 -4.72 15.81
C LYS A 218 -34.97 -4.14 14.48
N ASN A 219 -35.60 -4.54 13.35
CA ASN A 219 -35.29 -4.14 11.96
C ASN A 219 -33.82 -4.43 11.63
N LEU A 220 -33.34 -5.61 12.08
CA LEU A 220 -31.97 -6.06 11.89
C LEU A 220 -31.87 -7.31 11.02
N LEU A 221 -33.00 -8.05 10.84
CA LEU A 221 -33.03 -9.29 10.07
C LEU A 221 -32.83 -9.10 8.58
N ILE A 222 -31.96 -9.94 8.02
CA ILE A 222 -31.67 -10.04 6.61
C ILE A 222 -31.83 -11.52 6.22
N ASN A 223 -32.84 -11.81 5.40
CA ASN A 223 -33.12 -13.16 4.96
C ASN A 223 -32.18 -13.60 3.86
N LEU A 224 -31.66 -14.83 3.99
CA LEU A 224 -30.77 -15.47 3.01
C LEU A 224 -31.36 -16.79 2.56
N ASP A 225 -31.09 -17.18 1.31
CA ASP A 225 -31.46 -18.50 0.79
C ASP A 225 -30.19 -19.37 0.91
N ALA A 226 -30.03 -20.02 2.08
CA ALA A 226 -28.86 -20.82 2.38
C ALA A 226 -28.78 -22.18 1.64
N THR A 227 -29.73 -22.46 0.75
CA THR A 227 -29.73 -23.69 -0.06
C THR A 227 -28.87 -23.54 -1.32
N GLN A 228 -28.50 -22.29 -1.68
CA GLN A 228 -27.68 -21.97 -2.85
C GLN A 228 -26.21 -22.40 -2.62
N PRO A 229 -25.36 -22.58 -3.67
CA PRO A 229 -23.96 -23.00 -3.41
C PRO A 229 -23.20 -22.02 -2.52
N ALA A 230 -22.29 -22.56 -1.69
CA ALA A 230 -21.49 -21.80 -0.73
C ALA A 230 -20.79 -20.55 -1.33
N ASN A 231 -20.18 -20.69 -2.53
CA ASN A 231 -19.49 -19.58 -3.18
C ASN A 231 -20.48 -18.47 -3.64
N ASP A 232 -21.72 -18.85 -4.01
CA ASP A 232 -22.79 -17.93 -4.37
C ASP A 232 -23.30 -17.21 -3.14
N LEU A 233 -23.53 -17.96 -2.03
CA LEU A 233 -23.98 -17.41 -0.76
C LEU A 233 -22.96 -16.44 -0.16
N GLU A 234 -21.66 -16.73 -0.34
CA GLU A 234 -20.54 -15.90 0.13
C GLU A 234 -20.64 -14.50 -0.50
N LYS A 235 -20.84 -14.44 -1.82
CA LYS A 235 -20.96 -13.20 -2.59
C LYS A 235 -22.20 -12.42 -2.16
N LYS A 236 -23.34 -13.12 -1.89
CA LYS A 236 -24.59 -12.50 -1.45
C LYS A 236 -24.40 -11.82 -0.09
N ILE A 237 -23.67 -12.47 0.85
CA ILE A 237 -23.41 -11.94 2.18
C ILE A 237 -22.50 -10.70 2.09
N SER A 238 -21.40 -10.82 1.31
CA SER A 238 -20.40 -9.77 1.05
C SER A 238 -21.06 -8.56 0.37
N GLN A 239 -22.09 -8.80 -0.47
CA GLN A 239 -22.88 -7.77 -1.16
C GLN A 239 -23.67 -6.98 -0.13
N HIS A 240 -24.29 -7.65 0.87
CA HIS A 240 -25.04 -6.94 1.92
C HIS A 240 -24.10 -6.12 2.78
N ILE A 241 -22.90 -6.65 3.03
CA ILE A 241 -21.94 -5.94 3.89
C ILE A 241 -21.29 -4.76 3.16
N ASP A 242 -20.60 -4.99 2.02
CA ASP A 242 -19.86 -3.99 1.28
C ASP A 242 -20.71 -3.08 0.38
N GLY A 243 -21.95 -3.49 0.11
CA GLY A 243 -22.86 -2.71 -0.71
C GLY A 243 -23.58 -1.62 0.05
N GLU B 4 1.51 8.71 -14.72
CA GLU B 4 2.72 9.46 -15.00
C GLU B 4 3.00 10.53 -13.93
N ASN B 5 1.97 10.88 -13.14
CA ASN B 5 2.08 11.87 -12.06
C ASN B 5 2.95 11.33 -10.92
N LEU B 6 2.77 10.04 -10.56
CA LEU B 6 3.52 9.35 -9.50
C LEU B 6 4.97 9.08 -9.93
N GLU B 7 5.27 9.13 -11.25
CA GLU B 7 6.62 8.92 -11.81
C GLU B 7 7.65 9.97 -11.30
N ASN B 8 7.15 11.15 -10.87
CA ASN B 8 7.94 12.24 -10.31
C ASN B 8 8.39 11.86 -8.91
N PHE B 9 7.43 11.44 -8.03
CA PHE B 9 7.57 11.03 -6.62
C PHE B 9 8.57 9.94 -6.36
N SER B 10 9.34 10.06 -5.28
CA SER B 10 10.37 9.10 -4.87
C SER B 10 9.77 7.81 -4.29
N THR B 11 10.50 6.67 -4.45
CA THR B 11 10.08 5.36 -3.94
C THR B 11 9.94 5.38 -2.41
N ILE B 12 10.94 5.97 -1.70
CA ILE B 12 10.93 6.12 -0.24
C ILE B 12 9.72 6.96 0.17
N ASP B 13 9.42 8.00 -0.63
CA ASP B 13 8.29 8.89 -0.45
C ASP B 13 6.99 8.14 -0.76
N LEU B 14 7.00 7.20 -1.74
CA LEU B 14 5.84 6.37 -2.11
C LEU B 14 5.53 5.36 -0.98
N LEU B 15 6.58 4.63 -0.50
CA LEU B 15 6.48 3.66 0.59
C LEU B 15 5.98 4.30 1.90
N ASN B 16 6.45 5.52 2.23
CA ASN B 16 6.03 6.27 3.43
C ASN B 16 4.54 6.62 3.42
N GLU B 17 3.98 6.94 2.24
CA GLU B 17 2.56 7.24 2.09
C GLU B 17 1.76 5.98 2.41
N LEU B 18 2.24 4.80 1.94
CA LEU B 18 1.60 3.50 2.20
C LEU B 18 1.59 3.18 3.70
N LYS B 19 2.74 3.42 4.39
CA LYS B 19 2.90 3.26 5.84
C LYS B 19 1.82 4.04 6.58
N ARG B 20 1.55 5.29 6.13
CA ARG B 20 0.55 6.22 6.66
C ARG B 20 -0.85 5.73 6.34
N ARG B 21 -1.06 5.25 5.10
CA ARG B 21 -2.34 4.74 4.63
C ARG B 21 -2.76 3.48 5.39
N TYR B 22 -1.81 2.56 5.66
CA TYR B 22 -2.06 1.35 6.44
C TYR B 22 -2.55 1.71 7.84
N ALA B 23 -1.89 2.69 8.48
CA ALA B 23 -2.16 3.15 9.83
C ALA B 23 -3.59 3.61 9.99
N CYS B 24 -4.09 4.30 8.96
CA CYS B 24 -5.44 4.84 8.80
C CYS B 24 -6.42 3.71 8.70
N LEU B 25 -6.22 2.84 7.69
CA LEU B 25 -7.06 1.71 7.34
C LEU B 25 -7.25 0.75 8.50
N SER B 26 -6.22 0.63 9.38
CA SER B 26 -6.24 -0.23 10.55
C SER B 26 -6.99 0.41 11.74
N LYS B 27 -7.46 1.67 11.60
CA LYS B 27 -8.20 2.37 12.67
C LYS B 27 -9.68 1.99 12.53
N PRO B 28 -10.45 1.87 13.62
CA PRO B 28 -11.87 1.47 13.46
C PRO B 28 -12.69 2.42 12.63
N ASP B 29 -13.77 1.93 12.01
CA ASP B 29 -14.74 2.75 11.29
C ASP B 29 -15.49 3.55 12.36
N GLY B 30 -15.99 4.75 12.02
CA GLY B 30 -16.67 5.58 13.01
C GLY B 30 -17.73 6.51 12.48
N ARG B 31 -18.89 6.55 13.12
CA ARG B 31 -19.95 7.46 12.68
C ARG B 31 -20.37 8.25 13.88
N TYR B 32 -19.88 9.50 13.94
CA TYR B 32 -20.04 10.35 15.11
C TYR B 32 -20.58 11.74 14.80
N ILE B 33 -21.23 12.31 15.84
CA ILE B 33 -21.72 13.66 15.94
C ILE B 33 -20.79 14.37 16.96
N PHE B 34 -20.37 15.58 16.63
CA PHE B 34 -19.65 16.44 17.55
C PHE B 34 -20.69 17.47 17.93
N LEU B 35 -21.18 17.39 19.18
CA LEU B 35 -22.23 18.26 19.70
C LEU B 35 -21.63 19.20 20.72
N GLY B 36 -21.96 20.45 20.57
CA GLY B 36 -21.43 21.49 21.44
C GLY B 36 -21.59 22.84 20.80
N ALA B 37 -21.73 23.88 21.60
CA ALA B 37 -21.94 25.25 21.14
C ALA B 37 -20.79 25.73 20.22
N PRO B 38 -20.95 26.85 19.48
CA PRO B 38 -19.84 27.30 18.64
C PRO B 38 -18.72 27.79 19.54
N GLY B 39 -17.50 27.40 19.19
CA GLY B 39 -16.28 27.74 19.92
C GLY B 39 -15.81 26.61 20.79
N SER B 40 -16.54 25.47 20.80
CA SER B 40 -16.28 24.26 21.58
C SER B 40 -15.06 23.50 21.12
N GLY B 41 -14.67 23.68 19.84
CA GLY B 41 -13.53 23.01 19.23
C GLY B 41 -13.89 21.82 18.38
N LYS B 42 -15.12 21.82 17.82
CA LYS B 42 -15.62 20.76 16.97
C LYS B 42 -14.85 20.70 15.65
N GLY B 43 -14.67 21.88 14.99
CA GLY B 43 -13.96 21.99 13.72
C GLY B 43 -12.55 21.52 13.88
N THR B 44 -11.90 22.02 14.95
CA THR B 44 -10.53 21.65 15.30
C THR B 44 -10.35 20.12 15.38
N GLN B 45 -11.19 19.47 16.19
CA GLN B 45 -11.15 18.04 16.43
C GLN B 45 -11.59 17.21 15.20
N SER B 46 -12.47 17.76 14.35
CA SER B 46 -12.91 17.13 13.10
C SER B 46 -11.77 17.06 12.10
N LEU B 47 -10.95 18.08 12.02
CA LEU B 47 -9.79 18.12 11.13
C LEU B 47 -8.76 17.08 11.57
N ASN B 48 -8.62 16.86 12.90
CA ASN B 48 -7.71 15.86 13.47
C ASN B 48 -8.10 14.44 13.06
N LEU B 49 -9.37 14.03 13.31
CA LEU B 49 -9.92 12.71 12.97
C LEU B 49 -9.94 12.47 11.48
N LYS B 50 -10.16 13.53 10.66
CA LYS B 50 -10.16 13.43 9.20
C LYS B 50 -8.78 12.94 8.77
N LYS B 51 -7.73 13.46 9.42
CA LYS B 51 -6.36 13.09 9.11
C LYS B 51 -5.97 11.72 9.71
N SER B 52 -6.37 11.43 10.96
CA SER B 52 -5.97 10.20 11.63
C SER B 52 -6.81 8.96 11.31
N HIS B 53 -8.14 9.13 11.09
CA HIS B 53 -9.08 8.04 10.88
C HIS B 53 -9.76 8.05 9.51
N CYS B 54 -9.51 9.10 8.69
CA CYS B 54 -10.07 9.28 7.34
C CYS B 54 -11.59 9.33 7.35
N TYR B 55 -12.16 9.94 8.39
CA TYR B 55 -13.58 10.09 8.51
C TYR B 55 -13.92 11.34 7.69
N CYS B 56 -15.09 11.36 7.08
CA CYS B 56 -15.50 12.53 6.31
C CYS B 56 -15.92 13.63 7.25
N HIS B 57 -15.47 14.87 7.00
CA HIS B 57 -15.84 16.01 7.84
C HIS B 57 -17.04 16.68 7.25
N LEU B 58 -18.21 16.38 7.83
CA LEU B 58 -19.45 16.97 7.37
C LEU B 58 -19.76 18.20 8.15
N SER B 59 -19.41 19.37 7.61
CA SER B 59 -19.69 20.62 8.29
C SER B 59 -20.82 21.35 7.61
N THR B 60 -21.96 21.48 8.31
CA THR B 60 -23.15 22.15 7.73
C THR B 60 -22.91 23.64 7.62
N GLY B 61 -22.15 24.18 8.58
CA GLY B 61 -21.74 25.56 8.54
C GLY B 61 -20.95 25.90 7.30
N ASP B 62 -19.95 25.03 6.95
CA ASP B 62 -19.13 25.20 5.74
C ASP B 62 -19.97 25.12 4.50
N LEU B 63 -20.84 24.08 4.42
CA LEU B 63 -21.76 23.86 3.29
C LEU B 63 -22.78 24.99 3.11
N LEU B 64 -23.20 25.64 4.22
CA LEU B 64 -24.21 26.69 4.17
C LEU B 64 -23.63 28.03 3.84
N ARG B 65 -22.41 28.32 4.34
CA ARG B 65 -21.64 29.53 4.06
C ARG B 65 -21.33 29.58 2.54
N GLU B 66 -21.08 28.39 1.95
CA GLU B 66 -20.83 28.16 0.53
C GLU B 66 -22.12 28.45 -0.27
N ALA B 67 -23.28 27.96 0.23
CA ALA B 67 -24.62 28.17 -0.35
C ALA B 67 -24.99 29.66 -0.23
N ALA B 68 -24.52 30.33 0.86
CA ALA B 68 -24.77 31.77 1.12
C ALA B 68 -23.97 32.71 0.19
N GLU B 69 -22.95 32.18 -0.51
CA GLU B 69 -22.09 32.93 -1.43
C GLU B 69 -22.73 33.05 -2.82
N LYS B 70 -23.76 32.21 -3.10
CA LYS B 70 -24.47 32.13 -4.38
C LYS B 70 -25.35 33.37 -4.58
N LYS B 71 -25.24 34.02 -5.78
CA LYS B 71 -25.94 35.28 -6.15
C LYS B 71 -27.39 35.03 -6.56
N THR B 72 -28.15 34.47 -5.63
CA THR B 72 -29.56 34.11 -5.84
C THR B 72 -30.36 34.53 -4.61
N GLU B 73 -31.70 34.55 -4.73
CA GLU B 73 -32.66 34.79 -3.65
C GLU B 73 -32.42 33.81 -2.49
N LEU B 74 -32.19 32.50 -2.79
CA LEU B 74 -31.90 31.44 -1.80
C LEU B 74 -30.61 31.79 -1.08
N GLY B 75 -29.64 32.35 -1.83
CA GLY B 75 -28.33 32.75 -1.32
C GLY B 75 -28.43 33.83 -0.27
N LEU B 76 -29.20 34.91 -0.58
CA LEU B 76 -29.43 36.04 0.35
C LEU B 76 -30.14 35.55 1.62
N LYS B 77 -31.14 34.65 1.46
CA LYS B 77 -31.92 34.08 2.54
C LYS B 77 -31.02 33.40 3.53
N ILE B 78 -30.10 32.52 3.04
CA ILE B 78 -29.13 31.78 3.87
C ILE B 78 -28.11 32.75 4.50
N LYS B 79 -27.56 33.69 3.72
CA LYS B 79 -26.57 34.66 4.20
C LYS B 79 -27.11 35.50 5.34
N ASN B 80 -28.38 35.91 5.25
CA ASN B 80 -29.05 36.71 6.26
C ASN B 80 -29.36 35.93 7.51
N ILE B 81 -29.71 34.65 7.38
CA ILE B 81 -29.99 33.79 8.53
C ILE B 81 -28.69 33.53 9.31
N ILE B 82 -27.58 33.20 8.58
CA ILE B 82 -26.25 32.97 9.13
C ILE B 82 -25.79 34.22 9.89
N ASN B 83 -25.78 35.37 9.23
CA ASN B 83 -25.32 36.65 9.81
C ASN B 83 -26.17 37.17 11.00
N GLU B 84 -27.42 36.68 11.14
CA GLU B 84 -28.31 36.98 12.25
C GLU B 84 -28.08 36.01 13.43
N GLY B 85 -27.30 34.95 13.19
CA GLY B 85 -26.98 33.92 14.19
C GLY B 85 -28.04 32.86 14.38
N LYS B 86 -29.08 32.86 13.53
CA LYS B 86 -30.20 31.91 13.57
C LYS B 86 -29.98 30.65 12.69
N LEU B 87 -30.89 29.68 12.82
CA LEU B 87 -30.79 28.41 12.10
C LEU B 87 -31.53 28.44 10.77
N VAL B 88 -30.85 27.97 9.72
CA VAL B 88 -31.35 27.75 8.38
C VAL B 88 -32.42 26.65 8.49
N ASP B 89 -33.39 26.68 7.59
CA ASP B 89 -34.54 25.78 7.55
C ASP B 89 -34.06 24.35 7.48
N ASP B 90 -34.72 23.48 8.30
CA ASP B 90 -34.41 22.05 8.47
C ASP B 90 -34.33 21.30 7.16
N GLN B 91 -35.26 21.56 6.25
CA GLN B 91 -35.37 20.96 4.92
C GLN B 91 -34.15 21.29 4.06
N MET B 92 -33.63 22.50 4.16
CA MET B 92 -32.49 22.94 3.37
C MET B 92 -31.20 22.20 3.79
N VAL B 93 -30.91 22.11 5.11
CA VAL B 93 -29.70 21.42 5.58
C VAL B 93 -29.78 19.90 5.29
N LEU B 94 -30.95 19.30 5.50
CA LEU B 94 -31.19 17.88 5.22
C LEU B 94 -30.75 17.49 3.82
N SER B 95 -31.01 18.36 2.83
CA SER B 95 -30.66 18.10 1.43
C SER B 95 -29.15 18.10 1.23
N LEU B 96 -28.45 18.98 1.95
CA LEU B 96 -27.00 19.10 1.87
C LEU B 96 -26.34 17.88 2.56
N VAL B 97 -26.84 17.51 3.75
CA VAL B 97 -26.34 16.36 4.51
C VAL B 97 -26.61 15.06 3.75
N ASP B 98 -27.83 14.89 3.22
CA ASP B 98 -28.13 13.69 2.44
C ASP B 98 -27.21 13.52 1.26
N GLU B 99 -26.95 14.60 0.54
CA GLU B 99 -26.07 14.59 -0.61
C GLU B 99 -24.65 14.35 -0.16
N LYS B 100 -24.23 14.87 1.00
CA LYS B 100 -22.85 14.66 1.39
C LYS B 100 -22.59 13.23 1.97
N LEU B 101 -23.56 12.63 2.68
CA LEU B 101 -23.44 11.29 3.26
C LEU B 101 -23.39 10.16 2.16
N LYS B 102 -23.77 10.49 0.93
CA LYS B 102 -23.76 9.55 -0.19
C LYS B 102 -22.36 9.46 -0.83
N THR B 103 -21.50 10.51 -0.62
CA THR B 103 -20.16 10.60 -1.21
C THR B 103 -19.25 9.46 -0.73
N PRO B 104 -18.26 9.01 -1.55
CA PRO B 104 -17.42 7.86 -1.13
C PRO B 104 -16.40 8.21 -0.04
N GLN B 105 -16.34 9.50 0.35
CA GLN B 105 -15.48 9.97 1.44
C GLN B 105 -16.03 9.54 2.82
N CYS B 106 -17.32 9.08 2.86
CA CYS B 106 -18.07 8.67 4.03
C CYS B 106 -18.08 7.14 4.26
N LYS B 107 -17.30 6.36 3.47
CA LYS B 107 -17.30 4.89 3.55
C LYS B 107 -16.63 4.35 4.82
N LYS B 108 -15.54 4.97 5.26
CA LYS B 108 -14.87 4.57 6.50
C LYS B 108 -15.69 5.13 7.67
N GLY B 109 -16.36 6.26 7.40
CA GLY B 109 -17.23 6.95 8.35
C GLY B 109 -17.32 8.45 8.16
N PHE B 110 -17.79 9.13 9.18
CA PHE B 110 -17.94 10.58 9.11
C PHE B 110 -17.92 11.21 10.49
N ILE B 111 -17.81 12.54 10.51
CA ILE B 111 -17.90 13.43 11.67
C ILE B 111 -18.92 14.49 11.22
N LEU B 112 -20.06 14.54 11.95
CA LEU B 112 -21.12 15.48 11.74
C LEU B 112 -20.82 16.64 12.70
N ASP B 113 -20.42 17.77 12.13
CA ASP B 113 -20.04 18.98 12.84
C ASP B 113 -21.03 20.08 12.46
N GLY B 114 -21.95 20.40 13.38
CA GLY B 114 -23.00 21.40 13.14
C GLY B 114 -24.38 20.84 12.84
N TYR B 115 -24.45 19.52 12.60
CA TYR B 115 -25.71 18.79 12.34
C TYR B 115 -25.77 17.55 13.25
N PRO B 116 -26.89 17.31 13.98
CA PRO B 116 -28.16 18.06 13.98
C PRO B 116 -28.17 19.24 14.90
N ARG B 117 -28.95 20.27 14.62
CA ARG B 117 -28.96 21.38 15.57
C ARG B 117 -30.27 21.54 16.38
N ASN B 118 -31.17 20.55 16.25
CA ASN B 118 -32.44 20.47 16.98
C ASN B 118 -33.02 19.07 16.91
N VAL B 119 -34.10 18.84 17.70
CA VAL B 119 -34.83 17.57 17.82
C VAL B 119 -35.38 17.09 16.44
N LYS B 120 -35.88 18.02 15.62
CA LYS B 120 -36.40 17.72 14.28
C LYS B 120 -35.27 17.18 13.38
N GLN B 121 -34.11 17.90 13.35
CA GLN B 121 -32.92 17.52 12.58
C GLN B 121 -32.35 16.17 13.05
N ALA B 122 -32.46 15.87 14.37
CA ALA B 122 -32.04 14.61 14.97
C ALA B 122 -32.90 13.45 14.42
N GLU B 123 -34.20 13.70 14.24
CA GLU B 123 -35.14 12.72 13.68
C GLU B 123 -34.95 12.50 12.19
N ASP B 124 -34.66 13.57 11.43
CA ASP B 124 -34.36 13.49 10.00
C ASP B 124 -33.09 12.65 9.83
N LEU B 125 -32.03 12.94 10.60
CA LEU B 125 -30.79 12.16 10.58
C LEU B 125 -31.03 10.67 10.92
N ASN B 126 -31.89 10.42 11.91
CA ASN B 126 -32.29 9.09 12.31
C ASN B 126 -32.86 8.30 11.09
N LYS B 127 -33.79 8.92 10.35
CA LYS B 127 -34.46 8.34 9.16
C LYS B 127 -33.47 8.12 8.02
N LEU B 128 -32.61 9.13 7.79
CA LEU B 128 -31.53 9.15 6.82
C LEU B 128 -30.62 7.92 7.05
N LEU B 129 -30.10 7.75 8.31
CA LEU B 129 -29.21 6.64 8.66
C LEU B 129 -29.90 5.24 8.51
N GLN B 130 -31.22 5.15 8.80
CA GLN B 130 -31.99 3.91 8.63
C GLN B 130 -32.07 3.53 7.16
N LYS B 131 -32.41 4.51 6.28
CA LYS B 131 -32.51 4.34 4.82
C LYS B 131 -31.17 3.91 4.21
N ASN B 132 -30.05 4.40 4.77
CA ASN B 132 -28.70 4.09 4.29
C ASN B 132 -28.12 2.82 4.86
N GLN B 133 -28.77 2.24 5.87
CA GLN B 133 -28.29 1.06 6.60
C GLN B 133 -26.91 1.38 7.21
N THR B 134 -26.86 2.48 7.96
CA THR B 134 -25.68 2.95 8.70
C THR B 134 -26.13 3.35 10.10
N LYS B 135 -25.27 3.12 11.07
CA LYS B 135 -25.61 3.44 12.45
C LYS B 135 -24.57 4.41 13.01
N LEU B 136 -25.00 5.24 13.99
CA LEU B 136 -24.08 6.12 14.69
C LEU B 136 -23.36 5.23 15.72
N ASP B 137 -22.11 5.55 16.00
CA ASP B 137 -21.27 4.87 16.97
C ASP B 137 -21.18 5.65 18.28
N GLY B 138 -21.45 6.93 18.23
CA GLY B 138 -21.38 7.78 19.40
C GLY B 138 -21.65 9.22 19.05
N VAL B 139 -22.05 9.99 20.06
CA VAL B 139 -22.28 11.43 19.99
C VAL B 139 -21.41 12.05 21.06
N PHE B 140 -20.34 12.73 20.63
CA PHE B 140 -19.44 13.38 21.57
C PHE B 140 -19.98 14.74 21.95
N TYR B 141 -20.12 15.02 23.25
CA TYR B 141 -20.55 16.33 23.71
C TYR B 141 -19.34 17.12 24.25
N PHE B 142 -19.12 18.31 23.67
CA PHE B 142 -18.02 19.20 23.99
C PHE B 142 -18.47 20.11 25.06
N ASN B 143 -18.32 19.66 26.30
CA ASN B 143 -18.70 20.36 27.51
C ASN B 143 -17.65 21.42 27.81
N VAL B 144 -18.05 22.67 27.64
CA VAL B 144 -17.26 23.89 27.85
C VAL B 144 -18.23 24.99 28.34
N PRO B 145 -17.93 25.69 29.46
CA PRO B 145 -18.85 26.75 29.96
C PRO B 145 -19.00 27.92 29.01
N ASP B 146 -20.09 28.67 29.16
CA ASP B 146 -20.49 29.78 28.30
C ASP B 146 -19.45 30.88 28.20
N GLU B 147 -18.87 31.28 29.33
CA GLU B 147 -17.86 32.33 29.43
C GLU B 147 -16.63 31.99 28.58
N VAL B 148 -16.20 30.71 28.63
CA VAL B 148 -15.05 30.21 27.88
C VAL B 148 -15.32 30.33 26.39
N LEU B 149 -16.54 29.95 25.94
CA LEU B 149 -16.95 29.99 24.52
C LEU B 149 -16.90 31.41 23.94
N VAL B 150 -17.23 32.42 24.75
CA VAL B 150 -17.18 33.84 24.35
C VAL B 150 -15.78 34.22 23.83
N ASN B 151 -14.71 33.94 24.65
CA ASN B 151 -13.31 34.20 24.32
C ASN B 151 -12.83 33.35 23.15
N ARG B 152 -13.33 32.10 23.04
CA ARG B 152 -12.99 31.15 21.98
C ARG B 152 -13.39 31.73 20.62
N ILE B 153 -14.62 32.27 20.53
CA ILE B 153 -15.15 32.86 19.30
C ILE B 153 -14.45 34.20 18.99
N SER B 154 -14.20 35.03 20.04
CA SER B 154 -13.59 36.37 19.91
C SER B 154 -12.26 36.34 19.15
N GLY B 155 -11.35 35.45 19.56
CA GLY B 155 -10.03 35.33 18.98
C GLY B 155 -9.94 34.48 17.74
N ARG B 156 -11.09 33.91 17.23
CA ARG B 156 -11.10 33.01 16.07
C ARG B 156 -10.82 33.73 14.77
N LEU B 157 -9.91 33.15 14.00
CA LEU B 157 -9.50 33.59 12.69
C LEU B 157 -9.36 32.34 11.85
N ILE B 158 -9.82 32.45 10.62
CA ILE B 158 -9.83 31.35 9.68
C ILE B 158 -9.23 31.81 8.37
N HIS B 159 -8.58 30.89 7.67
CA HIS B 159 -8.08 31.12 6.33
C HIS B 159 -9.20 30.57 5.43
N LYS B 160 -10.02 31.47 4.83
CA LYS B 160 -11.18 31.14 3.97
C LYS B 160 -10.89 30.02 2.92
N PRO B 161 -9.83 30.09 2.07
CA PRO B 161 -9.60 29.02 1.08
C PRO B 161 -9.34 27.63 1.64
N SER B 162 -8.62 27.50 2.75
CA SER B 162 -8.29 26.17 3.30
C SER B 162 -9.18 25.73 4.46
N GLY B 163 -9.84 26.69 5.11
CA GLY B 163 -10.66 26.44 6.30
C GLY B 163 -9.84 26.17 7.55
N ARG B 164 -8.54 26.49 7.53
CA ARG B 164 -7.64 26.33 8.67
C ARG B 164 -8.12 27.26 9.77
N ILE B 165 -8.17 26.75 11.01
CA ILE B 165 -8.64 27.51 12.19
C ILE B 165 -7.43 27.98 13.02
N TYR B 166 -7.53 29.22 13.53
CA TYR B 166 -6.54 29.89 14.38
C TYR B 166 -7.27 30.54 15.52
N HIS B 167 -6.51 30.94 16.54
CA HIS B 167 -7.00 31.72 17.67
C HIS B 167 -5.89 32.67 18.04
N LYS B 168 -6.22 33.96 18.15
CA LYS B 168 -5.30 35.04 18.48
C LYS B 168 -4.41 34.71 19.69
N ILE B 169 -4.89 33.82 20.60
CA ILE B 169 -4.18 33.45 21.84
C ILE B 169 -3.90 31.96 21.91
N PHE B 170 -4.94 31.10 21.81
CA PHE B 170 -4.82 29.66 21.96
C PHE B 170 -4.14 28.96 20.79
N ASN B 171 -4.25 29.49 19.58
CA ASN B 171 -3.62 28.88 18.39
C ASN B 171 -3.15 29.97 17.43
N PRO B 172 -2.15 30.77 17.84
CA PRO B 172 -1.76 31.90 17.01
C PRO B 172 -1.01 31.55 15.73
N PRO B 173 -1.19 32.36 14.66
CA PRO B 173 -0.37 32.16 13.46
C PRO B 173 1.07 32.73 13.68
N LYS B 174 2.05 32.27 12.87
CA LYS B 174 3.46 32.73 12.90
C LYS B 174 3.55 34.26 12.87
N VAL B 175 2.86 34.89 11.90
CA VAL B 175 2.78 36.35 11.77
C VAL B 175 1.28 36.76 11.88
N PRO B 176 0.98 37.78 12.74
CA PRO B 176 -0.42 38.17 12.98
C PRO B 176 -1.31 38.34 11.77
N PHE B 177 -2.53 37.75 11.83
CA PHE B 177 -3.61 37.85 10.83
C PHE B 177 -3.23 37.34 9.44
N ARG B 178 -2.21 36.49 9.37
CA ARG B 178 -1.76 35.92 8.11
C ARG B 178 -1.69 34.40 8.24
N ASP B 179 -2.08 33.70 7.18
CA ASP B 179 -2.06 32.23 7.13
C ASP B 179 -0.62 31.74 7.22
N ASP B 180 -0.40 30.61 7.91
CA ASP B 180 0.93 30.02 8.08
C ASP B 180 1.45 29.41 6.77
N VAL B 181 0.54 28.78 5.98
CA VAL B 181 0.87 28.10 4.71
C VAL B 181 0.98 29.07 3.51
N THR B 182 -0.04 29.91 3.28
CA THR B 182 -0.09 30.80 2.12
C THR B 182 0.34 32.25 2.40
N ASN B 183 0.53 32.64 3.69
CA ASN B 183 0.86 34.01 4.16
C ASN B 183 -0.22 35.01 3.70
N GLU B 184 -1.42 34.49 3.37
CA GLU B 184 -2.59 35.25 2.91
C GLU B 184 -3.37 35.77 4.13
N PRO B 185 -4.11 36.91 4.00
CA PRO B 185 -4.85 37.44 5.15
C PRO B 185 -5.91 36.49 5.72
N LEU B 186 -6.10 36.57 7.04
CA LEU B 186 -7.10 35.77 7.73
C LEU B 186 -8.31 36.65 7.86
N ILE B 187 -9.48 36.01 7.99
CA ILE B 187 -10.74 36.70 8.12
C ILE B 187 -11.37 36.41 9.46
N GLN B 188 -12.16 37.38 9.91
CA GLN B 188 -13.02 37.19 11.06
C GLN B 188 -14.38 36.98 10.41
N ARG B 189 -15.00 35.82 10.63
N ARG B 189 -15.01 35.80 10.60
CA ARG B 189 -16.32 35.49 10.11
CA ARG B 189 -16.33 35.49 10.05
C ARG B 189 -17.34 36.47 10.71
C ARG B 189 -17.32 36.48 10.69
N GLU B 190 -18.20 37.06 9.86
CA GLU B 190 -19.23 38.05 10.27
C GLU B 190 -20.06 37.60 11.49
N ASP B 191 -20.33 36.27 11.61
CA ASP B 191 -21.10 35.71 12.71
C ASP B 191 -20.27 35.57 14.00
N ASP B 192 -18.96 35.87 13.95
CA ASP B 192 -18.10 35.81 15.13
C ASP B 192 -18.06 37.13 15.90
N ASN B 193 -18.86 38.12 15.46
CA ASN B 193 -19.01 39.41 16.12
C ASN B 193 -19.68 39.15 17.48
N GLU B 194 -19.22 39.84 18.52
CA GLU B 194 -19.68 39.76 19.91
C GLU B 194 -21.21 39.66 20.08
N ASP B 195 -21.97 40.51 19.36
CA ASP B 195 -23.44 40.56 19.44
C ASP B 195 -24.10 39.35 18.73
N VAL B 196 -23.53 38.89 17.59
CA VAL B 196 -24.04 37.75 16.83
C VAL B 196 -23.84 36.44 17.63
N LEU B 197 -22.62 36.24 18.22
CA LEU B 197 -22.23 35.07 19.00
C LEU B 197 -23.14 34.84 20.19
N LYS B 198 -23.66 35.95 20.77
CA LYS B 198 -24.59 35.99 21.90
C LYS B 198 -25.88 35.29 21.51
N LYS B 199 -26.39 35.55 20.30
CA LYS B 199 -27.60 34.93 19.80
C LYS B 199 -27.33 33.44 19.49
N ARG B 200 -26.17 33.15 18.84
CA ARG B 200 -25.75 31.81 18.49
C ARG B 200 -25.73 30.90 19.73
N LEU B 201 -25.20 31.40 20.86
CA LEU B 201 -25.16 30.69 22.13
C LEU B 201 -26.55 30.52 22.75
N THR B 202 -27.47 31.43 22.44
CA THR B 202 -28.86 31.41 22.91
C THR B 202 -29.63 30.33 22.13
N VAL B 203 -29.44 30.29 20.78
CA VAL B 203 -30.07 29.35 19.86
C VAL B 203 -29.63 27.95 20.25
N PHE B 204 -28.34 27.81 20.65
CA PHE B 204 -27.77 26.55 21.08
C PHE B 204 -28.48 26.06 22.32
N LYS B 205 -28.56 26.90 23.36
CA LYS B 205 -29.20 26.60 24.64
C LYS B 205 -30.68 26.20 24.46
N SER B 206 -31.42 26.89 23.60
CA SER B 206 -32.83 26.63 23.38
C SER B 206 -33.14 25.47 22.41
N GLU B 207 -32.48 25.43 21.25
CA GLU B 207 -32.76 24.43 20.24
C GLU B 207 -31.84 23.20 20.24
N THR B 208 -30.54 23.35 20.61
CA THR B 208 -29.59 22.25 20.52
C THR B 208 -29.30 21.52 21.83
N SER B 209 -29.41 22.20 23.00
CA SER B 209 -29.15 21.58 24.30
C SER B 209 -30.05 20.35 24.59
N PRO B 210 -31.34 20.24 24.12
CA PRO B 210 -32.13 19.03 24.41
C PRO B 210 -31.58 17.76 23.76
N LEU B 211 -30.67 17.91 22.77
CA LEU B 211 -30.04 16.79 22.08
C LEU B 211 -29.05 16.02 22.99
N ILE B 212 -28.56 16.66 24.05
CA ILE B 212 -27.66 16.04 25.03
C ILE B 212 -28.43 14.86 25.68
N SER B 213 -29.65 15.13 26.15
CA SER B 213 -30.55 14.18 26.78
C SER B 213 -31.08 13.14 25.76
N TYR B 214 -31.40 13.61 24.52
CA TYR B 214 -31.89 12.79 23.42
C TYR B 214 -30.89 11.66 23.10
N TYR B 215 -29.60 12.01 22.92
CA TYR B 215 -28.57 11.04 22.59
C TYR B 215 -28.11 10.26 23.83
N LYS B 216 -28.32 10.79 25.05
CA LYS B 216 -28.02 10.08 26.31
C LYS B 216 -29.07 8.97 26.48
N ASN B 217 -30.33 9.23 26.08
CA ASN B 217 -31.43 8.26 26.10
C ASN B 217 -31.19 7.14 25.07
N LYS B 218 -30.64 7.51 23.91
CA LYS B 218 -30.28 6.58 22.83
C LYS B 218 -28.99 5.81 23.19
N ASN B 219 -28.40 6.12 24.38
CA ASN B 219 -27.17 5.54 24.93
C ASN B 219 -26.00 5.70 23.98
N LEU B 220 -25.91 6.89 23.37
CA LEU B 220 -24.88 7.25 22.39
C LEU B 220 -23.96 8.37 22.86
N LEU B 221 -24.35 9.11 23.90
CA LEU B 221 -23.60 10.27 24.37
C LEU B 221 -22.30 9.90 25.10
N ILE B 222 -21.24 10.61 24.71
CA ILE B 222 -19.90 10.51 25.30
C ILE B 222 -19.55 11.93 25.73
N ASN B 223 -19.45 12.15 27.03
CA ASN B 223 -19.11 13.45 27.60
C ASN B 223 -17.62 13.71 27.50
N LEU B 224 -17.25 14.89 27.03
CA LEU B 224 -15.87 15.34 26.91
C LEU B 224 -15.71 16.65 27.66
N ASP B 225 -14.51 16.88 28.21
CA ASP B 225 -14.16 18.15 28.83
C ASP B 225 -13.41 18.94 27.75
N ALA B 226 -14.16 19.69 26.93
CA ALA B 226 -13.60 20.46 25.81
C ALA B 226 -12.83 21.74 26.23
N THR B 227 -12.64 21.96 27.54
CA THR B 227 -11.88 23.10 28.08
C THR B 227 -10.38 22.76 28.13
N GLN B 228 -10.03 21.45 28.03
CA GLN B 228 -8.64 20.96 28.08
C GLN B 228 -7.91 21.32 26.76
N PRO B 229 -6.55 21.35 26.71
CA PRO B 229 -5.86 21.69 25.44
C PRO B 229 -6.25 20.76 24.28
N ALA B 230 -6.29 21.32 23.06
CA ALA B 230 -6.64 20.61 21.82
C ALA B 230 -5.86 19.28 21.63
N ASN B 231 -4.54 19.27 21.92
CA ASN B 231 -3.74 18.05 21.75
C ASN B 231 -4.14 16.96 22.77
N ASP B 232 -4.59 17.37 23.97
CA ASP B 232 -5.05 16.48 25.03
C ASP B 232 -6.41 15.94 24.65
N LEU B 233 -7.30 16.81 24.18
CA LEU B 233 -8.66 16.45 23.72
C LEU B 233 -8.64 15.49 22.54
N GLU B 234 -7.66 15.67 21.61
CA GLU B 234 -7.47 14.82 20.44
C GLU B 234 -7.23 13.40 20.87
N LYS B 235 -6.32 13.19 21.82
CA LYS B 235 -5.94 11.89 22.37
C LYS B 235 -7.13 11.23 23.11
N LYS B 236 -7.91 12.05 23.84
CA LYS B 236 -9.09 11.56 24.58
C LYS B 236 -10.15 11.02 23.62
N ILE B 237 -10.37 11.72 22.48
CA ILE B 237 -11.34 11.31 21.46
C ILE B 237 -10.89 10.01 20.81
N SER B 238 -9.60 9.95 20.37
CA SER B 238 -8.95 8.82 19.73
C SER B 238 -8.94 7.59 20.67
N GLN B 239 -8.84 7.81 21.98
CA GLN B 239 -8.92 6.77 23.01
C GLN B 239 -10.35 6.15 23.00
N HIS B 240 -11.41 6.97 22.93
CA HIS B 240 -12.78 6.46 22.90
C HIS B 240 -12.99 5.60 21.65
N ILE B 241 -12.51 6.07 20.50
CA ILE B 241 -12.63 5.37 19.22
C ILE B 241 -11.74 4.12 19.18
N ASP B 242 -10.43 4.26 19.36
CA ASP B 242 -9.45 3.18 19.22
C ASP B 242 -9.29 2.25 20.43
N GLY B 243 -9.95 2.55 21.53
CA GLY B 243 -9.88 1.75 22.75
C GLY B 243 -11.06 0.83 22.93
N GLU C 4 0.41 -17.54 3.40
CA GLU C 4 0.13 -17.49 4.83
C GLU C 4 1.42 -17.46 5.68
N ASN C 5 2.58 -17.77 5.08
CA ASN C 5 3.89 -17.76 5.74
C ASN C 5 4.31 -16.31 6.09
N LEU C 6 4.10 -15.38 5.13
CA LEU C 6 4.43 -13.96 5.30
C LEU C 6 3.39 -13.25 6.20
N GLU C 7 2.26 -13.91 6.54
CA GLU C 7 1.22 -13.34 7.41
C GLU C 7 1.73 -13.15 8.86
N ASN C 8 2.75 -13.91 9.30
CA ASN C 8 3.34 -13.77 10.63
C ASN C 8 4.39 -12.61 10.63
N PHE C 9 4.01 -11.46 10.02
CA PHE C 9 4.83 -10.25 9.83
C PHE C 9 3.98 -8.98 9.86
N SER C 10 4.57 -7.87 10.36
CA SER C 10 3.91 -6.57 10.41
C SER C 10 3.94 -5.93 9.03
N THR C 11 2.87 -5.16 8.69
CA THR C 11 2.79 -4.43 7.42
C THR C 11 3.89 -3.35 7.43
N ILE C 12 4.15 -2.72 8.60
CA ILE C 12 5.23 -1.74 8.79
C ILE C 12 6.58 -2.41 8.51
N ASP C 13 6.74 -3.66 8.98
CA ASP C 13 7.95 -4.47 8.76
C ASP C 13 8.06 -4.93 7.30
N LEU C 14 6.90 -5.11 6.58
CA LEU C 14 6.85 -5.48 5.16
C LEU C 14 7.26 -4.28 4.31
N LEU C 15 6.74 -3.09 4.67
CA LEU C 15 7.05 -1.85 3.97
C LEU C 15 8.51 -1.45 4.20
N ASN C 16 9.03 -1.72 5.41
CA ASN C 16 10.44 -1.46 5.76
C ASN C 16 11.36 -2.44 5.03
N GLU C 17 10.89 -3.69 4.80
CA GLU C 17 11.63 -4.73 4.08
C GLU C 17 11.78 -4.33 2.62
N LEU C 18 10.71 -3.71 2.04
CA LEU C 18 10.67 -3.23 0.66
C LEU C 18 11.53 -1.98 0.50
N LYS C 19 11.75 -1.25 1.61
CA LYS C 19 12.61 -0.06 1.65
C LYS C 19 14.06 -0.50 1.58
N ARG C 20 14.42 -1.54 2.36
CA ARG C 20 15.75 -2.16 2.39
C ARG C 20 16.06 -2.76 1.01
N ARG C 21 15.09 -3.48 0.41
CA ARG C 21 15.24 -4.11 -0.90
C ARG C 21 15.41 -3.07 -2.00
N TYR C 22 14.64 -1.95 -1.93
CA TYR C 22 14.75 -0.85 -2.89
C TYR C 22 16.15 -0.23 -2.84
N ALA C 23 16.67 -0.02 -1.63
CA ALA C 23 17.99 0.57 -1.39
C ALA C 23 19.11 -0.22 -2.07
N CYS C 24 19.04 -1.57 -2.04
CA CYS C 24 20.04 -2.46 -2.65
C CYS C 24 19.84 -2.59 -4.18
N LEU C 25 18.58 -2.53 -4.67
CA LEU C 25 18.25 -2.59 -6.10
C LEU C 25 18.71 -1.29 -6.79
N SER C 26 18.70 -0.16 -6.06
CA SER C 26 19.12 1.15 -6.53
C SER C 26 20.65 1.33 -6.50
N LYS C 27 21.40 0.33 -5.98
CA LYS C 27 22.87 0.34 -5.95
C LYS C 27 23.42 0.00 -7.37
N PRO C 28 24.55 0.63 -7.83
CA PRO C 28 25.02 0.38 -9.22
C PRO C 28 25.57 -1.01 -9.48
N ASP C 29 25.47 -1.48 -10.74
CA ASP C 29 26.07 -2.75 -11.13
C ASP C 29 27.59 -2.50 -11.21
N GLY C 30 28.40 -3.53 -10.99
CA GLY C 30 29.85 -3.37 -11.03
C GLY C 30 30.66 -4.63 -11.23
N ARG C 31 31.62 -4.57 -12.18
CA ARG C 31 32.53 -5.66 -12.49
C ARG C 31 33.86 -5.41 -11.78
N TYR C 32 34.23 -6.31 -10.83
CA TYR C 32 35.45 -6.20 -10.01
C TYR C 32 36.15 -7.56 -9.72
N ILE C 33 37.48 -7.48 -9.45
CA ILE C 33 38.37 -8.58 -9.07
C ILE C 33 38.88 -8.26 -7.65
N PHE C 34 39.10 -9.29 -6.82
CA PHE C 34 39.61 -9.14 -5.46
C PHE C 34 41.01 -9.75 -5.32
N GLY C 39 41.97 -17.44 0.43
CA GLY C 39 41.40 -16.10 0.34
C GLY C 39 40.24 -15.87 1.30
N SER C 40 40.54 -15.84 2.61
CA SER C 40 39.58 -15.63 3.69
C SER C 40 39.04 -14.19 3.72
N GLY C 41 39.93 -13.23 3.44
CA GLY C 41 39.63 -11.79 3.38
C GLY C 41 38.81 -11.41 2.15
N LYS C 42 39.16 -12.01 0.99
CA LYS C 42 38.46 -11.84 -0.29
C LYS C 42 37.05 -12.41 -0.20
N GLY C 43 36.92 -13.64 0.30
CA GLY C 43 35.64 -14.32 0.49
C GLY C 43 34.75 -13.53 1.42
N THR C 44 35.31 -13.07 2.55
CA THR C 44 34.61 -12.26 3.55
C THR C 44 33.99 -11.02 2.92
N GLN C 45 34.79 -10.25 2.17
CA GLN C 45 34.37 -9.02 1.52
C GLN C 45 33.44 -9.29 0.33
N SER C 46 33.60 -10.46 -0.35
CA SER C 46 32.76 -10.89 -1.48
C SER C 46 31.31 -11.24 -1.02
N LEU C 47 31.16 -11.73 0.25
CA LEU C 47 29.87 -12.05 0.89
C LEU C 47 29.16 -10.76 1.31
N ASN C 48 29.94 -9.72 1.68
CA ASN C 48 29.42 -8.41 2.08
C ASN C 48 28.73 -7.71 0.89
N LEU C 49 29.44 -7.60 -0.26
CA LEU C 49 28.97 -6.98 -1.51
C LEU C 49 27.80 -7.78 -2.13
N LYS C 50 27.74 -9.11 -1.88
CA LYS C 50 26.64 -9.98 -2.34
C LYS C 50 25.37 -9.59 -1.60
N LYS C 51 25.49 -9.22 -0.31
CA LYS C 51 24.37 -8.79 0.51
C LYS C 51 23.97 -7.34 0.25
N SER C 52 24.97 -6.42 0.12
CA SER C 52 24.69 -4.99 -0.06
C SER C 52 24.39 -4.56 -1.50
N HIS C 53 25.02 -5.19 -2.50
CA HIS C 53 24.90 -4.80 -3.91
C HIS C 53 24.34 -5.89 -4.83
N CYS C 54 24.03 -7.10 -4.27
CA CYS C 54 23.50 -8.27 -5.00
C CYS C 54 24.43 -8.70 -6.15
N TYR C 55 25.76 -8.51 -5.96
CA TYR C 55 26.79 -8.89 -6.92
C TYR C 55 27.03 -10.41 -6.81
N CYS C 56 27.21 -11.07 -7.96
CA CYS C 56 27.49 -12.52 -8.01
C CYS C 56 28.89 -12.79 -7.48
N HIS C 57 29.08 -13.94 -6.81
CA HIS C 57 30.39 -14.30 -6.29
C HIS C 57 30.94 -15.53 -7.06
N LEU C 58 31.98 -15.30 -7.87
CA LEU C 58 32.64 -16.32 -8.69
C LEU C 58 33.90 -16.81 -7.99
N SER C 59 33.91 -18.09 -7.54
CA SER C 59 35.06 -18.68 -6.85
C SER C 59 35.35 -20.10 -7.34
N GLN C 91 44.70 -24.55 -14.60
CA GLN C 91 45.22 -23.38 -15.32
C GLN C 91 44.45 -23.09 -16.61
N MET C 92 43.88 -24.14 -17.25
CA MET C 92 43.11 -24.05 -18.49
C MET C 92 41.61 -24.31 -18.27
N VAL C 93 41.25 -24.87 -17.10
CA VAL C 93 39.87 -25.19 -16.72
C VAL C 93 39.15 -23.98 -16.07
N LEU C 94 39.41 -22.77 -16.60
CA LEU C 94 38.80 -21.52 -16.13
C LEU C 94 37.39 -21.37 -16.69
N SER C 95 37.14 -21.96 -17.88
CA SER C 95 35.85 -21.94 -18.59
C SER C 95 34.70 -22.61 -17.80
N LEU C 96 35.04 -23.54 -16.87
CA LEU C 96 34.09 -24.26 -16.03
C LEU C 96 33.44 -23.38 -14.96
N VAL C 97 34.08 -22.24 -14.60
CA VAL C 97 33.57 -21.32 -13.59
C VAL C 97 33.36 -19.89 -14.11
N ASP C 98 34.21 -19.44 -15.06
CA ASP C 98 34.16 -18.10 -15.64
C ASP C 98 33.15 -17.97 -16.80
N GLU C 99 32.66 -19.09 -17.36
CA GLU C 99 31.68 -19.04 -18.45
C GLU C 99 30.55 -20.08 -18.28
N LYS C 100 30.76 -21.13 -17.46
CA LYS C 100 29.77 -22.17 -17.17
C LYS C 100 29.06 -21.89 -15.83
N LEU C 101 29.78 -21.32 -14.85
CA LEU C 101 29.25 -20.94 -13.53
C LEU C 101 29.24 -19.41 -13.36
N LYS C 102 29.03 -18.68 -14.49
CA LYS C 102 28.99 -17.22 -14.56
C LYS C 102 27.97 -16.73 -15.62
N CYS C 106 22.59 -13.29 -16.40
CA CYS C 106 21.62 -13.50 -15.32
C CYS C 106 21.96 -12.69 -14.05
N LYS C 107 23.23 -12.22 -13.93
CA LYS C 107 23.72 -11.45 -12.79
C LYS C 107 24.06 -10.01 -13.18
N LYS C 108 23.54 -9.03 -12.38
CA LYS C 108 23.77 -7.59 -12.59
C LYS C 108 25.22 -7.20 -12.28
N GLY C 109 25.76 -7.73 -11.19
CA GLY C 109 27.13 -7.51 -10.78
C GLY C 109 27.90 -8.79 -10.53
N PHE C 110 29.23 -8.73 -10.59
CA PHE C 110 30.11 -9.89 -10.40
C PHE C 110 31.35 -9.52 -9.61
N ILE C 111 31.79 -10.42 -8.74
CA ILE C 111 33.01 -10.29 -7.93
C ILE C 111 33.87 -11.54 -8.17
N LEU C 112 34.95 -11.38 -8.97
CA LEU C 112 35.88 -12.45 -9.27
C LEU C 112 36.81 -12.66 -8.07
N ASP C 113 36.63 -13.79 -7.37
CA ASP C 113 37.41 -14.20 -6.19
C ASP C 113 38.55 -15.15 -6.62
N GLY C 114 39.68 -14.56 -7.01
CA GLY C 114 40.87 -15.28 -7.46
C GLY C 114 40.69 -16.07 -8.73
N ASN C 118 47.58 -19.29 -15.05
CA ASN C 118 48.31 -18.85 -13.87
C ASN C 118 48.39 -17.31 -13.80
N VAL C 119 48.83 -16.68 -14.90
CA VAL C 119 48.95 -15.23 -15.07
C VAL C 119 48.32 -14.89 -16.41
N LYS C 120 48.50 -15.79 -17.41
CA LYS C 120 47.93 -15.70 -18.76
C LYS C 120 46.41 -15.88 -18.71
N GLN C 121 45.88 -16.40 -17.57
CA GLN C 121 44.44 -16.60 -17.31
C GLN C 121 43.70 -15.24 -17.27
N ALA C 122 44.42 -14.17 -16.87
CA ALA C 122 43.92 -12.79 -16.85
C ALA C 122 43.84 -12.23 -18.27
N GLU C 123 44.82 -12.59 -19.13
CA GLU C 123 44.88 -12.21 -20.54
C GLU C 123 43.80 -13.01 -21.32
N ASP C 124 43.51 -14.25 -20.84
CA ASP C 124 42.46 -15.13 -21.37
C ASP C 124 41.09 -14.68 -20.84
N LEU C 125 41.07 -13.97 -19.68
CA LEU C 125 39.87 -13.38 -19.08
C LEU C 125 39.53 -12.11 -19.88
N ASN C 126 40.58 -11.39 -20.37
CA ASN C 126 40.48 -10.19 -21.19
C ASN C 126 39.78 -10.47 -22.53
N LYS C 127 40.09 -11.63 -23.14
CA LYS C 127 39.47 -12.09 -24.38
C LYS C 127 37.98 -12.42 -24.13
N LEU C 128 37.67 -13.03 -22.96
CA LEU C 128 36.34 -13.42 -22.49
C LEU C 128 35.44 -12.21 -22.21
N LEU C 129 36.03 -11.07 -21.79
CA LEU C 129 35.30 -9.83 -21.52
C LEU C 129 35.05 -9.05 -22.83
N GLN C 130 36.05 -9.02 -23.73
CA GLN C 130 35.99 -8.33 -25.03
C GLN C 130 34.95 -8.96 -25.97
N LYS C 131 34.89 -10.30 -26.02
CA LYS C 131 33.94 -11.06 -26.84
C LYS C 131 32.51 -11.00 -26.26
N ASN C 132 32.39 -10.89 -24.91
CA ASN C 132 31.11 -10.83 -24.19
C ASN C 132 30.60 -9.39 -23.98
N GLN C 133 31.31 -8.38 -24.55
CA GLN C 133 30.99 -6.96 -24.49
C GLN C 133 30.69 -6.51 -23.05
N THR C 134 31.68 -6.73 -22.17
CA THR C 134 31.67 -6.39 -20.74
C THR C 134 33.06 -5.85 -20.38
N LYS C 135 33.12 -4.84 -19.51
CA LYS C 135 34.38 -4.18 -19.12
C LYS C 135 34.47 -4.06 -17.60
N LEU C 136 35.67 -4.30 -17.05
CA LEU C 136 35.87 -4.23 -15.61
C LEU C 136 35.99 -2.79 -15.10
N ASP C 137 35.38 -2.51 -13.94
CA ASP C 137 35.37 -1.19 -13.31
C ASP C 137 36.60 -0.95 -12.43
N GLY C 138 37.20 -2.05 -11.94
CA GLY C 138 38.38 -2.00 -11.10
C GLY C 138 38.84 -3.36 -10.61
N VAL C 139 40.03 -3.39 -9.98
CA VAL C 139 40.65 -4.59 -9.42
C VAL C 139 41.38 -4.22 -8.12
N PHE C 140 40.81 -4.63 -6.98
CA PHE C 140 41.37 -4.36 -5.65
C PHE C 140 42.48 -5.36 -5.31
N TYR C 141 43.52 -4.90 -4.60
CA TYR C 141 44.65 -5.74 -4.18
C TYR C 141 44.34 -6.47 -2.87
N PHE C 142 44.44 -7.82 -2.91
CA PHE C 142 44.19 -8.71 -1.76
C PHE C 142 45.35 -8.64 -0.76
N LEU C 149 49.15 -12.17 7.90
CA LEU C 149 48.52 -12.85 9.03
C LEU C 149 48.80 -14.35 8.99
N VAL C 150 49.20 -14.93 10.14
CA VAL C 150 49.53 -16.35 10.25
C VAL C 150 48.46 -17.10 11.07
N ASN C 151 48.20 -16.64 12.32
CA ASN C 151 47.22 -17.21 13.23
C ASN C 151 45.79 -17.09 12.70
N ARG C 152 45.49 -15.94 12.03
CA ARG C 152 44.19 -15.65 11.44
C ARG C 152 43.82 -16.68 10.39
N ILE C 153 44.78 -17.05 9.51
CA ILE C 153 44.60 -18.03 8.46
C ILE C 153 44.53 -19.46 9.03
N SER C 154 45.37 -19.77 10.05
CA SER C 154 45.46 -21.09 10.71
C SER C 154 44.11 -21.60 11.22
N GLY C 155 43.39 -20.76 11.97
CA GLY C 155 42.09 -21.10 12.56
C GLY C 155 40.91 -20.91 11.63
N ASN C 193 46.97 -28.75 5.20
CA ASN C 193 46.45 -27.50 5.74
C ASN C 193 47.57 -26.47 5.93
N GLU C 194 48.60 -26.81 6.75
CA GLU C 194 49.76 -25.95 7.01
C GLU C 194 50.85 -26.07 5.92
N ASP C 195 51.19 -27.32 5.53
CA ASP C 195 52.21 -27.63 4.50
C ASP C 195 51.72 -27.27 3.09
N VAL C 196 50.40 -27.45 2.81
CA VAL C 196 49.78 -27.15 1.52
C VAL C 196 49.74 -25.63 1.28
N LEU C 197 49.34 -24.85 2.31
CA LEU C 197 49.26 -23.37 2.30
C LEU C 197 50.59 -22.72 1.97
N LYS C 198 51.70 -23.37 2.39
CA LYS C 198 53.07 -22.94 2.13
C LYS C 198 53.38 -22.96 0.63
N LYS C 199 52.92 -24.02 -0.09
CA LYS C 199 53.07 -24.17 -1.54
C LYS C 199 52.14 -23.21 -2.29
N ARG C 200 50.92 -22.97 -1.74
CA ARG C 200 49.92 -22.04 -2.29
C ARG C 200 50.46 -20.60 -2.27
N LEU C 201 51.14 -20.19 -1.18
CA LEU C 201 51.75 -18.87 -1.03
C LEU C 201 52.96 -18.69 -1.96
N THR C 202 53.63 -19.81 -2.31
CA THR C 202 54.78 -19.84 -3.23
C THR C 202 54.28 -19.64 -4.66
N VAL C 203 53.21 -20.37 -5.03
CA VAL C 203 52.56 -20.32 -6.35
C VAL C 203 52.03 -18.90 -6.57
N PHE C 204 51.48 -18.26 -5.51
CA PHE C 204 50.96 -16.88 -5.51
C PHE C 204 52.07 -15.86 -5.78
N LYS C 205 53.24 -16.02 -5.15
CA LYS C 205 54.39 -15.14 -5.32
C LYS C 205 54.98 -15.26 -6.72
N SER C 206 55.07 -16.49 -7.28
CA SER C 206 55.64 -16.73 -8.59
C SER C 206 54.69 -16.47 -9.77
N GLU C 207 53.44 -16.99 -9.70
CA GLU C 207 52.48 -16.89 -10.79
C GLU C 207 51.46 -15.74 -10.69
N THR C 208 51.02 -15.35 -9.48
CA THR C 208 49.97 -14.33 -9.32
C THR C 208 50.48 -12.91 -8.99
N SER C 209 51.65 -12.77 -8.33
CA SER C 209 52.22 -11.45 -7.99
C SER C 209 52.46 -10.53 -9.25
N PRO C 210 52.83 -11.05 -10.47
CA PRO C 210 53.00 -10.14 -11.62
C PRO C 210 51.71 -9.47 -12.10
N LEU C 211 50.54 -9.93 -11.63
CA LEU C 211 49.24 -9.34 -11.97
C LEU C 211 49.05 -7.97 -11.32
N ILE C 212 49.80 -7.68 -10.23
CA ILE C 212 49.78 -6.38 -9.56
C ILE C 212 50.24 -5.31 -10.57
N SER C 213 51.38 -5.58 -11.25
CA SER C 213 51.98 -4.72 -12.27
C SER C 213 51.13 -4.67 -13.54
N TYR C 214 50.57 -5.83 -13.96
CA TYR C 214 49.70 -6.00 -15.13
C TYR C 214 48.49 -5.07 -15.03
N TYR C 215 47.76 -5.11 -13.89
CA TYR C 215 46.58 -4.28 -13.68
C TYR C 215 46.94 -2.82 -13.35
N LYS C 216 48.17 -2.57 -12.84
CA LYS C 216 48.66 -1.21 -12.57
C LYS C 216 48.93 -0.52 -13.92
N ASN C 217 49.45 -1.29 -14.90
CA ASN C 217 49.73 -0.84 -16.28
C ASN C 217 48.42 -0.54 -17.00
N LYS C 218 47.38 -1.37 -16.76
CA LYS C 218 46.03 -1.21 -17.32
C LYS C 218 45.27 -0.08 -16.60
N ASN C 219 45.91 0.55 -15.58
CA ASN C 219 45.41 1.64 -14.73
C ASN C 219 44.07 1.29 -14.07
N LEU C 220 43.96 0.07 -13.48
CA LEU C 220 42.74 -0.36 -12.78
C LEU C 220 43.02 -0.89 -11.37
N LEU C 221 44.31 -1.21 -11.08
CA LEU C 221 44.76 -1.71 -9.77
C LEU C 221 44.67 -0.64 -8.70
N ILE C 222 43.78 -0.87 -7.72
CA ILE C 222 43.53 0.02 -6.59
C ILE C 222 44.05 -0.65 -5.32
N ASN C 223 44.93 0.07 -4.59
CA ASN C 223 45.57 -0.38 -3.33
C ASN C 223 44.60 -0.29 -2.15
N LEU C 224 44.44 -1.42 -1.42
CA LEU C 224 43.53 -1.50 -0.28
C LEU C 224 44.22 -2.01 0.98
N ASP C 225 43.92 -1.36 2.13
CA ASP C 225 44.49 -1.71 3.42
C ASP C 225 43.66 -2.81 4.09
N ALA C 226 43.96 -4.05 3.73
CA ALA C 226 43.26 -5.25 4.21
C ALA C 226 43.56 -5.61 5.69
N THR C 227 44.39 -4.81 6.38
CA THR C 227 44.73 -5.04 7.79
C THR C 227 43.68 -4.44 8.73
N GLN C 228 42.82 -3.53 8.20
CA GLN C 228 41.77 -2.86 8.97
C GLN C 228 40.61 -3.84 9.29
N PRO C 229 39.76 -3.60 10.33
CA PRO C 229 38.67 -4.55 10.61
C PRO C 229 37.73 -4.76 9.44
N ALA C 230 37.19 -5.99 9.29
CA ALA C 230 36.28 -6.40 8.21
C ALA C 230 35.11 -5.43 7.99
N ASN C 231 34.44 -4.99 9.08
CA ASN C 231 33.29 -4.06 9.01
C ASN C 231 33.72 -2.69 8.47
N ASP C 232 34.95 -2.23 8.80
CA ASP C 232 35.53 -0.98 8.33
C ASP C 232 35.87 -1.10 6.86
N LEU C 233 36.52 -2.22 6.46
CA LEU C 233 36.91 -2.51 5.07
C LEU C 233 35.69 -2.62 4.15
N GLU C 234 34.53 -3.08 4.68
CA GLU C 234 33.26 -3.19 3.95
C GLU C 234 32.68 -1.81 3.58
N LYS C 235 33.05 -0.76 4.35
CA LYS C 235 32.61 0.62 4.13
C LYS C 235 33.52 1.34 3.12
N LYS C 236 34.85 1.11 3.21
CA LYS C 236 35.88 1.69 2.34
C LYS C 236 35.78 1.14 0.91
N ILE C 237 35.41 -0.15 0.77
CA ILE C 237 35.23 -0.83 -0.52
C ILE C 237 34.01 -0.23 -1.24
N SER C 238 32.99 0.17 -0.47
CA SER C 238 31.76 0.82 -0.94
C SER C 238 32.01 2.29 -1.35
N GLN C 239 33.03 2.94 -0.75
CA GLN C 239 33.40 4.34 -1.06
C GLN C 239 34.00 4.43 -2.46
N HIS C 240 34.74 3.39 -2.87
CA HIS C 240 35.39 3.33 -4.18
C HIS C 240 34.40 2.98 -5.30
N ILE C 241 33.32 2.24 -5.00
CA ILE C 241 32.28 1.88 -5.97
C ILE C 241 31.31 3.08 -6.12
N ASP C 242 30.81 3.61 -4.98
CA ASP C 242 29.88 4.76 -4.92
C ASP C 242 30.61 6.08 -4.65
N GLU D 7 -0.16 14.72 -3.11
CA GLU D 7 -1.17 14.20 -4.03
C GLU D 7 -1.64 12.79 -3.63
N ASN D 8 -2.94 12.69 -3.23
CA ASN D 8 -3.55 11.43 -2.79
C ASN D 8 -4.24 10.72 -3.96
N PHE D 9 -3.57 9.67 -4.48
CA PHE D 9 -4.04 8.81 -5.57
C PHE D 9 -4.75 7.56 -4.98
N SER D 10 -4.46 6.32 -5.50
CA SER D 10 -5.07 5.07 -5.01
C SER D 10 -3.98 4.11 -4.54
N THR D 11 -4.23 3.37 -3.43
CA THR D 11 -3.31 2.40 -2.82
C THR D 11 -2.88 1.32 -3.80
N ILE D 12 -3.86 0.68 -4.50
CA ILE D 12 -3.56 -0.33 -5.52
C ILE D 12 -2.71 0.31 -6.61
N ASP D 13 -3.11 1.52 -7.07
CA ASP D 13 -2.40 2.30 -8.09
C ASP D 13 -0.97 2.66 -7.58
N LEU D 14 -0.81 2.90 -6.25
CA LEU D 14 0.49 3.18 -5.61
C LEU D 14 1.34 1.89 -5.59
N LEU D 15 0.70 0.76 -5.20
CA LEU D 15 1.35 -0.55 -5.16
C LEU D 15 1.82 -1.02 -6.55
N ASN D 16 0.97 -0.79 -7.58
CA ASN D 16 1.25 -1.13 -8.97
C ASN D 16 2.45 -0.35 -9.50
N GLU D 17 2.63 0.92 -9.04
CA GLU D 17 3.78 1.74 -9.42
C GLU D 17 5.06 1.10 -8.86
N LEU D 18 5.01 0.60 -7.61
CA LEU D 18 6.13 -0.08 -6.96
C LEU D 18 6.50 -1.36 -7.71
N LYS D 19 5.48 -2.18 -8.11
CA LYS D 19 5.68 -3.41 -8.90
C LYS D 19 6.51 -3.09 -10.14
N ARG D 20 6.08 -2.04 -10.87
CA ARG D 20 6.70 -1.54 -12.09
C ARG D 20 8.12 -1.04 -11.81
N ARG D 21 8.29 -0.29 -10.70
CA ARG D 21 9.57 0.27 -10.27
C ARG D 21 10.56 -0.84 -9.94
N TYR D 22 10.13 -1.90 -9.22
CA TYR D 22 10.96 -3.04 -8.87
C TYR D 22 11.49 -3.74 -10.12
N ALA D 23 10.59 -3.94 -11.10
CA ALA D 23 10.86 -4.59 -12.38
C ALA D 23 11.98 -3.88 -13.16
N CYS D 24 11.97 -2.52 -13.13
CA CYS D 24 12.92 -1.60 -13.79
C CYS D 24 14.26 -1.57 -13.06
N LEU D 25 14.24 -1.60 -11.72
CA LEU D 25 15.42 -1.58 -10.85
C LEU D 25 16.18 -2.89 -10.95
N SER D 26 15.47 -4.00 -11.23
CA SER D 26 16.06 -5.34 -11.42
C SER D 26 16.68 -5.52 -12.83
N LYS D 27 16.51 -4.53 -13.73
CA LYS D 27 17.09 -4.56 -15.09
C LYS D 27 18.53 -4.03 -15.02
N PRO D 28 19.51 -4.57 -15.81
CA PRO D 28 20.89 -4.07 -15.72
C PRO D 28 21.01 -2.60 -16.08
N ASP D 29 22.00 -1.89 -15.50
CA ASP D 29 22.19 -0.46 -15.74
C ASP D 29 23.30 -0.21 -16.77
N GLY D 30 22.89 0.23 -17.97
CA GLY D 30 23.79 0.47 -19.10
C GLY D 30 23.73 1.82 -19.81
N ARG D 31 24.91 2.29 -20.25
CA ARG D 31 25.13 3.55 -20.96
C ARG D 31 25.31 3.22 -22.43
N TYR D 32 24.29 3.50 -23.27
CA TYR D 32 24.34 3.12 -24.68
C TYR D 32 24.12 4.26 -25.68
N ILE D 33 24.48 4.00 -26.96
CA ILE D 33 24.33 4.88 -28.11
C ILE D 33 23.51 4.17 -29.19
N PHE D 34 22.55 4.90 -29.80
CA PHE D 34 21.73 4.42 -30.92
C PHE D 34 22.25 5.15 -32.16
N LEU D 35 22.94 4.41 -33.03
CA LEU D 35 23.52 4.96 -34.24
C LEU D 35 22.79 4.43 -35.48
N GLY D 36 22.48 5.33 -36.40
CA GLY D 36 21.76 4.98 -37.62
C GLY D 36 21.15 6.17 -38.30
N GLY D 43 14.97 6.34 -31.74
CA GLY D 43 14.08 7.25 -31.03
C GLY D 43 12.85 6.57 -30.46
N THR D 44 12.16 5.81 -31.34
CA THR D 44 11.04 4.94 -30.99
C THR D 44 11.54 3.89 -29.96
N GLN D 45 12.68 3.22 -30.26
CA GLN D 45 13.34 2.22 -29.41
C GLN D 45 13.91 2.85 -28.13
N SER D 46 14.32 4.14 -28.22
CA SER D 46 14.87 4.93 -27.11
C SER D 46 13.82 5.21 -26.05
N LEU D 47 12.55 5.44 -26.48
CA LEU D 47 11.40 5.69 -25.61
C LEU D 47 11.01 4.41 -24.91
N ASN D 48 11.15 3.26 -25.59
CA ASN D 48 10.86 1.93 -25.06
C ASN D 48 11.79 1.60 -23.88
N LEU D 49 13.12 1.73 -24.06
CA LEU D 49 14.14 1.47 -23.03
C LEU D 49 14.03 2.44 -21.86
N LYS D 50 13.63 3.69 -22.12
CA LYS D 50 13.43 4.70 -21.07
C LYS D 50 12.33 4.22 -20.12
N LYS D 51 11.28 3.57 -20.68
CA LYS D 51 10.17 3.03 -19.91
C LYS D 51 10.53 1.70 -19.24
N SER D 52 11.21 0.79 -19.95
CA SER D 52 11.52 -0.54 -19.43
C SER D 52 12.76 -0.65 -18.54
N HIS D 53 13.79 0.16 -18.83
CA HIS D 53 15.08 0.11 -18.13
C HIS D 53 15.46 1.41 -17.39
N CYS D 54 14.59 2.45 -17.48
CA CYS D 54 14.78 3.76 -16.84
C CYS D 54 16.11 4.45 -17.27
N TYR D 55 16.49 4.28 -18.55
CA TYR D 55 17.66 4.94 -19.10
C TYR D 55 17.19 6.31 -19.58
N CYS D 56 17.99 7.36 -19.38
CA CYS D 56 17.67 8.72 -19.82
C CYS D 56 17.73 8.81 -21.36
N HIS D 57 16.77 9.50 -21.98
CA HIS D 57 16.76 9.63 -23.43
C HIS D 57 17.38 10.96 -23.82
N LEU D 58 18.65 10.90 -24.22
CA LEU D 58 19.39 12.07 -24.66
C LEU D 58 19.29 12.22 -26.16
N SER D 59 18.33 13.01 -26.64
CA SER D 59 18.16 13.25 -28.08
C SER D 59 18.55 14.65 -28.43
N THR D 60 19.67 14.81 -29.16
CA THR D 60 20.20 16.12 -29.57
C THR D 60 19.26 16.75 -30.60
N GLY D 61 18.70 15.91 -31.47
CA GLY D 61 17.73 16.30 -32.49
C GLY D 61 16.52 16.95 -31.85
N ASP D 62 15.95 16.29 -30.80
CA ASP D 62 14.79 16.80 -30.06
C ASP D 62 15.12 18.12 -29.37
N LEU D 63 16.28 18.19 -28.67
CA LEU D 63 16.78 19.38 -27.96
C LEU D 63 17.08 20.52 -28.93
N GLY D 75 21.78 31.65 -28.67
CA GLY D 75 20.47 31.10 -28.99
C GLY D 75 20.11 31.23 -30.46
N LEU D 76 20.26 32.45 -31.01
CA LEU D 76 19.99 32.76 -32.42
C LEU D 76 20.95 31.98 -33.33
N LYS D 77 22.23 31.89 -32.92
CA LYS D 77 23.28 31.18 -33.64
C LYS D 77 22.90 29.70 -33.83
N ILE D 78 22.45 29.03 -32.74
CA ILE D 78 22.01 27.64 -32.74
C ILE D 78 20.71 27.46 -33.55
N LYS D 79 19.72 28.36 -33.34
CA LYS D 79 18.43 28.32 -34.05
C LYS D 79 18.61 28.40 -35.56
N ASN D 80 19.54 29.27 -36.02
CA ASN D 80 19.85 29.47 -37.44
C ASN D 80 20.59 28.28 -38.05
N ILE D 81 21.49 27.64 -37.28
CA ILE D 81 22.24 26.47 -37.75
C ILE D 81 21.28 25.27 -37.89
N ILE D 82 20.39 25.07 -36.89
CA ILE D 82 19.38 24.01 -36.85
C ILE D 82 18.42 24.15 -38.04
N ASN D 83 17.82 25.36 -38.22
CA ASN D 83 16.87 25.67 -39.29
C ASN D 83 17.49 25.57 -40.71
N GLU D 84 18.83 25.68 -40.82
CA GLU D 84 19.57 25.55 -42.08
C GLU D 84 19.90 24.07 -42.38
N GLY D 85 19.70 23.20 -41.38
CA GLY D 85 19.95 21.77 -41.47
C GLY D 85 21.41 21.36 -41.29
N LYS D 86 22.26 22.31 -40.85
CA LYS D 86 23.70 22.08 -40.62
C LYS D 86 24.00 21.67 -39.17
N LEU D 87 25.27 21.28 -38.88
CA LEU D 87 25.71 20.83 -37.56
C LEU D 87 26.16 21.98 -36.66
N VAL D 88 25.66 21.97 -35.42
CA VAL D 88 25.99 22.92 -34.37
C VAL D 88 27.44 22.66 -33.96
N ASP D 89 28.13 23.70 -33.44
CA ASP D 89 29.53 23.61 -33.00
C ASP D 89 29.68 22.54 -31.93
N ASP D 90 30.72 21.67 -32.09
CA ASP D 90 31.05 20.52 -31.24
C ASP D 90 31.09 20.87 -29.75
N GLN D 91 31.70 22.01 -29.39
CA GLN D 91 31.84 22.50 -28.02
C GLN D 91 30.48 22.79 -27.38
N MET D 92 29.54 23.35 -28.17
CA MET D 92 28.18 23.68 -27.71
C MET D 92 27.37 22.42 -27.36
N VAL D 93 27.34 21.43 -28.27
CA VAL D 93 26.62 20.15 -28.12
C VAL D 93 27.15 19.34 -26.93
N LEU D 94 28.48 19.36 -26.72
CA LEU D 94 29.20 18.67 -25.65
C LEU D 94 28.76 19.15 -24.27
N SER D 95 28.56 20.47 -24.10
CA SER D 95 28.14 21.07 -22.82
C SER D 95 26.72 20.65 -22.45
N LEU D 96 25.84 20.52 -23.45
CA LEU D 96 24.44 20.10 -23.25
C LEU D 96 24.41 18.61 -22.86
N VAL D 97 25.17 17.76 -23.60
CA VAL D 97 25.25 16.32 -23.38
C VAL D 97 25.97 16.02 -22.05
N PRO D 104 19.60 13.40 -14.15
CA PRO D 104 18.26 12.99 -13.68
C PRO D 104 18.10 11.46 -13.74
N GLN D 105 17.40 10.93 -14.78
CA GLN D 105 17.17 9.50 -15.02
C GLN D 105 18.46 8.73 -15.38
N CYS D 106 19.62 9.46 -15.36
CA CYS D 106 20.97 8.99 -15.67
C CYS D 106 21.58 8.17 -14.53
N LYS D 107 20.80 7.96 -13.43
CA LYS D 107 21.20 7.18 -12.25
C LYS D 107 21.55 5.76 -12.64
N LYS D 108 20.69 5.13 -13.49
CA LYS D 108 20.91 3.78 -14.01
C LYS D 108 21.70 3.82 -15.35
N GLY D 109 21.35 4.75 -16.23
CA GLY D 109 22.02 4.89 -17.53
C GLY D 109 21.31 5.83 -18.47
N PHE D 110 21.72 5.78 -19.75
CA PHE D 110 21.16 6.61 -20.81
C PHE D 110 21.14 5.92 -22.16
N ILE D 111 20.48 6.54 -23.15
CA ILE D 111 20.40 6.11 -24.54
C ILE D 111 20.67 7.35 -25.41
N LEU D 112 21.82 7.39 -26.11
CA LEU D 112 22.22 8.55 -26.93
C LEU D 112 21.69 8.42 -28.38
N ASP D 113 20.72 9.32 -28.76
CA ASP D 113 20.06 9.40 -30.07
C ASP D 113 20.40 10.72 -30.77
N GLY D 114 21.21 10.64 -31.81
CA GLY D 114 21.64 11.80 -32.58
C GLY D 114 23.02 12.33 -32.22
N TYR D 115 23.59 11.81 -31.12
CA TYR D 115 24.92 12.16 -30.64
C TYR D 115 25.69 10.87 -30.35
N PRO D 116 26.93 10.69 -30.85
CA PRO D 116 27.74 11.63 -31.65
C PRO D 116 27.42 11.55 -33.15
N ARG D 117 27.61 12.64 -33.90
CA ARG D 117 27.31 12.60 -35.33
C ARG D 117 28.57 12.60 -36.22
N ASN D 118 29.76 12.61 -35.60
CA ASN D 118 31.06 12.55 -36.28
C ASN D 118 32.16 12.13 -35.30
N VAL D 119 33.38 11.88 -35.84
CA VAL D 119 34.57 11.44 -35.12
C VAL D 119 34.96 12.41 -33.99
N LYS D 120 34.84 13.73 -34.23
CA LYS D 120 35.16 14.78 -33.26
C LYS D 120 34.24 14.66 -32.05
N GLN D 121 32.91 14.59 -32.30
CA GLN D 121 31.86 14.44 -31.29
C GLN D 121 32.05 13.14 -30.48
N ALA D 122 32.51 12.05 -31.15
CA ALA D 122 32.79 10.75 -30.52
C ALA D 122 33.94 10.88 -29.49
N GLU D 123 34.94 11.71 -29.82
CA GLU D 123 36.10 11.96 -28.96
C GLU D 123 35.73 12.82 -27.77
N ASP D 124 34.90 13.86 -27.99
CA ASP D 124 34.41 14.74 -26.93
C ASP D 124 33.64 13.90 -25.91
N LEU D 125 32.68 13.07 -26.41
CA LEU D 125 31.86 12.18 -25.58
C LEU D 125 32.70 11.25 -24.72
N ASN D 126 33.72 10.58 -25.30
CA ASN D 126 34.55 9.63 -24.55
C ASN D 126 35.46 10.34 -23.52
N LYS D 127 35.84 11.61 -23.76
CA LYS D 127 36.60 12.39 -22.77
C LYS D 127 35.67 12.79 -21.63
N LEU D 128 34.43 13.20 -21.98
CA LEU D 128 33.40 13.61 -21.01
C LEU D 128 32.99 12.43 -20.11
N LEU D 129 32.83 11.22 -20.69
CA LEU D 129 32.48 10.00 -19.92
C LEU D 129 33.64 9.60 -18.99
N GLN D 130 34.90 9.75 -19.44
CA GLN D 130 36.10 9.43 -18.65
C GLN D 130 36.21 10.35 -17.44
N LYS D 131 36.08 11.68 -17.66
CA LYS D 131 36.15 12.70 -16.61
C LYS D 131 35.00 12.57 -15.60
N ASN D 132 33.81 12.10 -16.06
CA ASN D 132 32.60 11.93 -15.24
C ASN D 132 32.46 10.52 -14.66
N THR D 134 31.61 7.59 -16.15
CA THR D 134 31.22 6.20 -16.41
C THR D 134 31.69 5.74 -17.80
N LYS D 135 31.69 4.43 -18.04
CA LYS D 135 32.10 3.83 -19.31
C LYS D 135 30.88 3.39 -20.12
N LEU D 136 30.96 3.47 -21.48
CA LEU D 136 29.91 3.02 -22.39
C LEU D 136 29.82 1.50 -22.30
N ASP D 137 28.59 0.99 -22.46
CA ASP D 137 28.32 -0.44 -22.42
C ASP D 137 28.10 -0.96 -23.84
N GLY D 138 28.04 -0.06 -24.79
CA GLY D 138 27.83 -0.43 -26.18
C GLY D 138 27.27 0.65 -27.08
N VAL D 139 27.29 0.37 -28.37
CA VAL D 139 26.81 1.23 -29.45
C VAL D 139 26.00 0.38 -30.42
N PHE D 140 24.67 0.57 -30.41
CA PHE D 140 23.78 -0.18 -31.28
C PHE D 140 23.71 0.49 -32.63
N TYR D 141 23.97 -0.26 -33.71
CA TYR D 141 23.83 0.29 -35.06
C TYR D 141 22.54 -0.24 -35.72
N PHE D 142 21.69 0.68 -36.16
CA PHE D 142 20.41 0.41 -36.80
C PHE D 142 20.56 0.27 -38.32
N ASN D 143 20.66 -1.00 -38.79
CA ASN D 143 20.79 -1.35 -40.21
C ASN D 143 19.42 -1.39 -40.85
N VAL D 144 19.21 -0.46 -41.79
CA VAL D 144 17.96 -0.31 -42.55
C VAL D 144 18.26 0.34 -43.91
N PRO D 145 17.76 -0.24 -45.04
CA PRO D 145 18.06 0.34 -46.37
C PRO D 145 17.37 1.68 -46.59
N ASP D 146 17.92 2.47 -47.54
CA ASP D 146 17.47 3.82 -47.89
C ASP D 146 16.00 3.89 -48.28
N GLU D 147 15.52 2.95 -49.12
CA GLU D 147 14.13 2.89 -49.59
C GLU D 147 13.13 2.80 -48.42
N VAL D 148 13.47 1.97 -47.40
CA VAL D 148 12.65 1.79 -46.20
C VAL D 148 12.55 3.11 -45.42
N LEU D 149 13.69 3.81 -45.26
CA LEU D 149 13.79 5.09 -44.55
C LEU D 149 12.91 6.18 -45.18
N VAL D 150 12.73 6.18 -46.53
CA VAL D 150 11.89 7.13 -47.25
C VAL D 150 10.45 7.11 -46.71
N ASN D 151 9.84 5.90 -46.65
CA ASN D 151 8.47 5.68 -46.15
C ASN D 151 8.35 5.99 -44.66
N ARG D 152 9.41 5.66 -43.89
CA ARG D 152 9.50 5.89 -42.44
C ARG D 152 9.39 7.39 -42.13
N ILE D 153 10.11 8.23 -42.89
CA ILE D 153 10.11 9.68 -42.74
C ILE D 153 8.80 10.29 -43.22
N SER D 154 8.23 9.78 -44.34
CA SER D 154 6.98 10.26 -44.95
C SER D 154 5.79 10.30 -43.96
N GLY D 155 5.57 9.20 -43.26
CA GLY D 155 4.47 9.08 -42.29
C GLY D 155 4.76 9.58 -40.89
N ARG D 156 5.96 10.13 -40.63
CA ARG D 156 6.33 10.61 -39.29
C ARG D 156 5.66 11.92 -38.89
N LEU D 157 5.13 11.93 -37.67
CA LEU D 157 4.50 13.08 -37.03
C LEU D 157 4.88 13.03 -35.58
N ILE D 158 5.34 14.16 -35.03
CA ILE D 158 5.71 14.27 -33.63
C ILE D 158 5.16 15.57 -33.06
N HIS D 159 4.78 15.54 -31.77
CA HIS D 159 4.32 16.71 -31.03
C HIS D 159 5.58 17.21 -30.31
N LYS D 160 6.22 18.28 -30.84
CA LYS D 160 7.48 18.85 -30.32
C LYS D 160 7.52 19.04 -28.77
N PRO D 161 6.52 19.69 -28.10
CA PRO D 161 6.63 19.85 -26.64
C PRO D 161 6.65 18.56 -25.81
N SER D 162 5.88 17.52 -26.20
CA SER D 162 5.82 16.26 -25.45
C SER D 162 6.72 15.14 -26.00
N GLY D 163 7.11 15.25 -27.26
CA GLY D 163 7.91 14.24 -27.94
C GLY D 163 7.11 13.02 -28.32
N ASP D 195 12.95 16.24 -49.77
CA ASP D 195 14.19 16.81 -50.31
C ASP D 195 15.24 17.07 -49.20
N VAL D 196 14.77 17.41 -47.97
CA VAL D 196 15.61 17.68 -46.80
C VAL D 196 16.27 16.36 -46.32
N LEU D 197 15.46 15.27 -46.22
CA LEU D 197 15.87 13.91 -45.81
C LEU D 197 16.99 13.36 -46.70
N LYS D 198 17.00 13.74 -48.00
CA LYS D 198 18.01 13.37 -48.99
C LYS D 198 19.39 13.93 -48.59
N LYS D 199 19.43 15.19 -48.10
CA LYS D 199 20.65 15.86 -47.64
C LYS D 199 21.10 15.29 -46.29
N ARG D 200 20.12 14.95 -45.42
CA ARG D 200 20.35 14.34 -44.11
C ARG D 200 21.03 12.97 -44.26
N LEU D 201 20.58 12.16 -45.23
CA LEU D 201 21.13 10.84 -45.53
C LEU D 201 22.54 10.94 -46.13
N THR D 202 22.85 12.06 -46.80
CA THR D 202 24.15 12.35 -47.40
C THR D 202 25.14 12.71 -46.29
N VAL D 203 24.72 13.60 -45.36
CA VAL D 203 25.50 14.07 -44.22
C VAL D 203 25.84 12.87 -43.32
N PHE D 204 24.87 11.94 -43.17
CA PHE D 204 25.05 10.71 -42.40
C PHE D 204 26.15 9.86 -43.01
N LYS D 205 26.05 9.57 -44.32
CA LYS D 205 27.00 8.76 -45.07
C LYS D 205 28.42 9.32 -44.99
N SER D 206 28.56 10.65 -45.09
CA SER D 206 29.87 11.32 -45.07
C SER D 206 30.46 11.52 -43.66
N GLU D 207 29.67 12.06 -42.73
CA GLU D 207 30.15 12.42 -41.40
C GLU D 207 29.92 11.37 -40.30
N THR D 208 28.80 10.62 -40.36
CA THR D 208 28.44 9.69 -39.28
C THR D 208 28.80 8.21 -39.56
N SER D 209 28.83 7.78 -40.83
CA SER D 209 29.18 6.40 -41.19
C SER D 209 30.59 5.94 -40.67
N PRO D 210 31.65 6.80 -40.56
CA PRO D 210 32.94 6.31 -40.01
C PRO D 210 32.89 5.91 -38.52
N LEU D 211 31.82 6.29 -37.80
CA LEU D 211 31.65 5.94 -36.39
C LEU D 211 31.32 4.47 -36.20
N ILE D 212 30.79 3.80 -37.25
CA ILE D 212 30.50 2.36 -37.25
C ILE D 212 31.84 1.62 -37.00
N SER D 213 32.88 1.98 -37.77
CA SER D 213 34.22 1.42 -37.69
C SER D 213 34.94 1.82 -36.39
N TYR D 214 34.77 3.09 -35.96
CA TYR D 214 35.33 3.66 -34.74
C TYR D 214 34.89 2.84 -33.52
N TYR D 215 33.57 2.61 -33.37
CA TYR D 215 33.03 1.85 -32.26
C TYR D 215 33.23 0.33 -32.40
N LYS D 216 33.42 -0.16 -33.66
CA LYS D 216 33.72 -1.57 -33.93
C LYS D 216 35.15 -1.87 -33.45
N ASN D 217 36.07 -0.90 -33.67
CA ASN D 217 37.47 -0.96 -33.24
C ASN D 217 37.55 -0.95 -31.70
N LYS D 218 36.70 -0.11 -31.05
CA LYS D 218 36.59 0.02 -29.59
C LYS D 218 35.88 -1.22 -29.00
N ASN D 219 35.42 -2.16 -29.87
CA ASN D 219 34.71 -3.40 -29.53
C ASN D 219 33.42 -3.09 -28.74
N LEU D 220 32.71 -2.02 -29.17
CA LEU D 220 31.48 -1.55 -28.53
C LEU D 220 30.26 -1.67 -29.46
N LEU D 221 30.49 -1.86 -30.78
CA LEU D 221 29.40 -1.94 -31.76
C LEU D 221 28.60 -3.26 -31.66
N ILE D 222 27.28 -3.11 -31.69
CA ILE D 222 26.31 -4.19 -31.69
C ILE D 222 25.42 -3.92 -32.92
N ASN D 223 25.50 -4.81 -33.91
CA ASN D 223 24.72 -4.68 -35.13
C ASN D 223 23.29 -5.14 -34.94
N LEU D 224 22.34 -4.35 -35.44
CA LEU D 224 20.91 -4.66 -35.37
C LEU D 224 20.31 -4.62 -36.77
N ASP D 225 19.24 -5.40 -36.97
CA ASP D 225 18.44 -5.38 -38.20
C ASP D 225 17.22 -4.53 -37.87
N ALA D 226 17.34 -3.21 -38.10
CA ALA D 226 16.29 -2.24 -37.80
C ALA D 226 15.07 -2.27 -38.77
N THR D 227 15.07 -3.21 -39.75
CA THR D 227 13.96 -3.38 -40.70
C THR D 227 12.84 -4.25 -40.11
N GLN D 228 13.14 -4.99 -39.02
CA GLN D 228 12.18 -5.85 -38.33
C GLN D 228 11.12 -5.01 -37.56
N PRO D 229 9.92 -5.57 -37.21
CA PRO D 229 8.91 -4.76 -36.48
C PRO D 229 9.43 -4.21 -35.15
N ALA D 230 8.96 -3.00 -34.77
CA ALA D 230 9.36 -2.30 -33.55
C ALA D 230 9.33 -3.15 -32.29
N ASN D 231 8.24 -3.94 -32.08
CA ASN D 231 8.07 -4.80 -30.90
C ASN D 231 9.12 -5.94 -30.89
N ASP D 232 9.50 -6.45 -32.08
CA ASP D 232 10.51 -7.49 -32.26
C ASP D 232 11.90 -6.91 -31.99
N LEU D 233 12.18 -5.70 -32.52
CA LEU D 233 13.45 -4.99 -32.33
C LEU D 233 13.68 -4.62 -30.86
N GLU D 234 12.58 -4.26 -30.15
CA GLU D 234 12.61 -3.92 -28.72
C GLU D 234 13.14 -5.11 -27.92
N LYS D 235 12.60 -6.31 -28.17
CA LYS D 235 13.00 -7.57 -27.52
C LYS D 235 14.44 -7.93 -27.85
N LYS D 236 14.89 -7.71 -29.11
CA LYS D 236 16.26 -7.99 -29.54
C LYS D 236 17.27 -7.12 -28.78
N ILE D 237 16.95 -5.82 -28.59
CA ILE D 237 17.79 -4.85 -27.87
C ILE D 237 17.88 -5.26 -26.39
N SER D 238 16.70 -5.52 -25.76
CA SER D 238 16.53 -5.97 -24.37
C SER D 238 17.29 -7.27 -24.12
N GLN D 239 17.33 -8.17 -25.12
CA GLN D 239 18.03 -9.45 -25.08
C GLN D 239 19.52 -9.22 -24.95
N HIS D 240 20.10 -8.23 -25.64
CA HIS D 240 21.55 -7.99 -25.52
C HIS D 240 21.92 -7.39 -24.16
N ILE D 241 21.08 -6.47 -23.66
CA ILE D 241 21.23 -5.76 -22.38
C ILE D 241 21.10 -6.77 -21.20
N ASP D 242 19.89 -7.34 -21.02
CA ASP D 242 19.51 -8.27 -19.95
C ASP D 242 20.23 -9.62 -20.02
N GLY D 243 20.42 -10.16 -21.22
CA GLY D 243 21.10 -11.43 -21.45
C GLY D 243 20.30 -12.63 -21.00
MG MG E . -21.26 -39.01 15.57
MG MG F . -26.52 -3.50 1.61
P AMP G . -23.22 -25.67 17.26
O1P AMP G . -21.72 -25.91 17.17
O2P AMP G . -23.59 -24.23 17.53
O3P AMP G . -23.99 -26.30 16.12
O5' AMP G . -23.79 -26.46 18.54
C5' AMP G . -22.97 -26.69 19.67
C4' AMP G . -23.67 -27.32 20.87
O4' AMP G . -23.07 -26.77 22.05
C3' AMP G . -25.17 -27.04 20.99
O3' AMP G . -25.94 -28.16 20.53
C2' AMP G . -25.34 -26.86 22.49
O2' AMP G . -25.27 -28.14 23.13
C1' AMP G . -24.05 -26.16 22.90
N9 AMP G . -24.21 -24.71 22.58
C8 AMP G . -23.72 -24.08 21.49
N7 AMP G . -24.10 -22.80 21.44
C5 AMP G . -24.87 -22.57 22.52
C6 AMP G . -25.59 -21.41 23.10
N6 AMP G . -25.58 -20.22 22.47
N1 AMP G . -26.28 -21.58 24.26
C2 AMP G . -26.30 -22.78 24.88
N3 AMP G . -25.64 -23.87 24.44
C4 AMP G . -24.94 -23.84 23.27
PB ADP H . -23.50 -24.89 10.47
O1B ADP H . -23.78 -26.07 11.38
O2B ADP H . -22.28 -24.10 10.88
O3B ADP H . -24.75 -24.07 10.24
PA ADP H . -21.66 -25.76 8.43
O1A ADP H . -20.72 -26.02 9.60
O2A ADP H . -21.30 -24.61 7.56
O3A ADP H . -23.15 -25.50 9.00
O5' ADP H . -21.72 -27.14 7.62
C5' ADP H . -22.74 -27.54 6.68
C4' ADP H . -22.31 -28.87 6.05
O4' ADP H . -22.67 -28.84 4.67
C3' ADP H . -20.79 -29.02 6.00
O3' ADP H . -20.44 -30.39 5.81
C2' ADP H . -20.38 -28.21 4.79
O2' ADP H . -19.16 -28.65 4.16
C1' ADP H . -21.57 -28.37 3.87
N9 ADP H . -22.00 -27.08 3.29
C8 ADP H . -21.89 -25.86 3.84
N7 ADP H . -22.49 -24.92 3.08
C5 ADP H . -23.04 -25.55 2.02
C6 ADP H . -23.83 -25.17 0.83
N6 ADP H . -24.14 -23.87 0.58
N1 ADP H . -24.19 -26.16 -0.02
C2 ADP H . -23.90 -27.45 0.19
N3 ADP H . -23.19 -27.86 1.27
C4 ADP H . -22.74 -26.98 2.19
PB ADP I . -16.26 25.03 16.80
O1B ADP I . -16.98 24.12 17.78
O2B ADP I . -16.95 26.37 16.78
O3B ADP I . -16.02 24.52 15.39
PA ADP I . -13.42 25.73 16.73
O1A ADP I . -12.42 24.65 16.41
O2A ADP I . -13.79 26.57 15.55
O3A ADP I . -14.77 25.18 17.45
O5' ADP I . -12.77 26.50 18.00
C5' ADP I . -13.06 27.81 18.50
C4' ADP I . -11.72 28.50 18.77
O4' ADP I . -11.05 27.82 19.86
C3' ADP I . -10.81 28.31 17.56
O3' ADP I . -10.08 29.48 17.26
C2' ADP I . -9.84 27.20 17.95
O2' ADP I . -8.62 27.48 17.27
C1' ADP I . -9.79 27.25 19.48
N9 ADP I . -9.59 25.96 20.24
C8 ADP I . -9.89 24.72 19.81
N7 ADP I . -9.76 23.77 20.77
C5 ADP I . -9.28 24.40 21.86
C6 ADP I . -8.87 23.99 23.22
N6 ADP I . -8.90 22.68 23.58
N1 ADP I . -8.41 24.94 24.08
C2 ADP I . -8.35 26.23 23.69
N3 ADP I . -8.70 26.67 22.46
C4 ADP I . -9.17 25.83 21.50
PB ADP J . -18.66 27.68 13.54
PB ADP J . -17.43 24.60 12.06
O1B ADP J . -19.20 27.32 14.90
O1B ADP J . -17.99 23.92 13.30
O2B ADP J . -18.23 29.13 13.45
O2B ADP J . -16.32 25.59 12.35
O3B ADP J . -17.60 26.72 13.05
O3B ADP J . -17.13 23.70 10.87
PA ADP J . -21.40 27.21 12.65
PA ADP J . -20.15 25.22 12.03
O1A ADP J . -21.49 25.71 12.67
O1A ADP J . -20.68 23.92 11.42
O2A ADP J . -21.94 27.98 13.83
O2A ADP J . -20.13 25.32 13.54
O3A ADP J . -19.84 27.61 12.41
O3A ADP J . -18.66 25.50 11.50
O5' ADP J . -22.26 27.62 11.34
O5' ADP J . -20.86 26.58 11.50
C5' ADP J . -22.72 28.96 11.12
C5' ADP J . -22.09 26.99 12.11
C4' ADP J . -24.23 29.15 10.90
C4' ADP J . -22.78 28.17 11.42
O4' ADP J . -24.73 28.62 9.67
O4' ADP J . -23.40 27.75 10.21
C3' ADP J . -25.13 28.62 12.00
C3' ADP J . -23.89 28.73 12.30
O3' ADP J . -25.21 29.55 13.08
O3' ADP J . -23.64 30.11 12.61
C2' ADP J . -26.46 28.51 11.25
C2' ADP J . -25.19 28.54 11.54
O2' ADP J . -27.06 29.79 11.01
O2' ADP J . -25.73 29.80 11.09
C1' ADP J . -26.02 28.00 9.90
C1' ADP J . -24.83 27.71 10.32
N9 ADP J . -26.05 26.53 10.08
N9 ADP J . -25.31 26.32 10.55
C8 ADP J . -25.00 25.70 10.01
C8 ADP J . -24.53 25.23 10.72
N7 ADP J . -25.38 24.41 10.23
N7 ADP J . -25.26 24.11 10.94
C5 ADP J . -26.71 24.39 10.44
C5 ADP J . -26.55 24.46 10.89
C6 ADP J . -27.72 23.37 10.81
C6 ADP J . -27.85 23.75 11.03
N6 ADP J . -27.40 22.06 10.91
N6 ADP J . -27.89 22.42 11.27
N1 ADP J . -29.00 23.80 10.99
N1 ADP J . -28.98 24.48 10.92
C2 ADP J . -29.34 25.10 10.86
C2 ADP J . -28.94 25.81 10.67
N3 ADP J . -28.46 26.08 10.59
N3 ADP J . -27.80 26.52 10.56
C4 ADP J . -27.13 25.80 10.39
C4 ADP J . -26.58 25.93 10.64
PG ATP K . 16.36 12.04 -36.03
O1G ATP K . 17.24 11.11 -35.23
O2G ATP K . 16.81 13.49 -35.96
O3G ATP K . 16.05 11.54 -37.42
PB ATP K . 14.41 10.65 -34.46
O1B ATP K . 12.89 10.60 -34.41
O2B ATP K . 15.18 10.76 -33.17
O3B ATP K . 14.90 11.93 -35.33
PA ATP K . 14.13 7.94 -35.34
O1A ATP K . 13.96 7.43 -33.94
O2A ATP K . 14.79 7.04 -36.35
O3A ATP K . 14.92 9.35 -35.29
O5' ATP K . 12.66 8.34 -35.86
C5' ATP K . 11.50 7.74 -35.29
C4' ATP K . 10.81 6.90 -36.36
O4' ATP K . 11.10 5.53 -36.13
C3' ATP K . 9.28 7.03 -36.41
O3' ATP K . 8.91 7.71 -37.62
C2' ATP K . 8.75 5.60 -36.43
O2' ATP K . 7.81 5.39 -37.48
C1' ATP K . 10.01 4.81 -36.76
N9 ATP K . 9.92 3.35 -36.50
C8 ATP K . 10.57 2.67 -35.54
N7 ATP K . 10.40 1.34 -35.67
C5 ATP K . 9.65 1.13 -36.77
C6 ATP K . 9.09 -0.05 -37.47
N6 ATP K . 9.33 -1.31 -37.02
N1 ATP K . 8.35 0.18 -38.59
C2 ATP K . 8.13 1.43 -39.05
N3 ATP K . 8.57 2.56 -38.44
C4 ATP K . 9.36 2.47 -37.33
#